data_6MOH
#
_entry.id   6MOH
#
_cell.length_a   96.193
_cell.length_b   96.193
_cell.length_c   286.401
_cell.angle_alpha   90.00
_cell.angle_beta   90.00
_cell.angle_gamma   90.00
#
_symmetry.space_group_name_H-M   'P 43 21 2'
#
loop_
_entity.id
_entity.type
_entity.pdbx_description
1 polymer 'Dimeric DARPin E2C (C_R3)'
2 polymer 'Erythropoietin receptor'
3 non-polymer 'PHOSPHATE ION'
4 non-polymer 'SODIUM ION'
5 water water
#
loop_
_entity_poly.entity_id
_entity_poly.type
_entity_poly.pdbx_seq_one_letter_code
_entity_poly.pdbx_strand_id
1 'polypeptide(L)'
;MGHHHHHHSDLGKKLLKAARAGQKDEVRILMANGADVNATDIWDATPLHLAALIGHAEIVAVLLENGADVNASDITGTTP
LHLAATMGHDEIVLILLLKGADVNAYDLNGATPLHLAARMGHKRIVLVLILAGADVNAQDKFGKTAFDISIDNGNEDLAK
ILQKQ
;
A,B
2 'polypeptide(L)'
;FAGSADPKFESKAALLAARGPEELLCFTERLEDLVCFWEEAASAGVGPGQYSFSYQLEDEPWKLCRLHQAPTARGAVRFW
CSLPTADTSSFVPLELRVTAASGAPRYHRVIHINEVVLLDAPVGLVARLADESGHVVLRWLPPPETPMTSHIRYEVDVSA
GQGAGSVQRVEILEGRTECVLSNLRGRTRYTFAVRARMAEPSFGGFWSAWSEPVSLLTPSDLDKEKAAA
;
C,D
#
loop_
_chem_comp.id
_chem_comp.type
_chem_comp.name
_chem_comp.formula
NA non-polymer 'SODIUM ION' 'Na 1'
PO4 non-polymer 'PHOSPHATE ION' 'O4 P -3'
#
# COMPACT_ATOMS: atom_id res chain seq x y z
N SER A 9 -31.15 18.90 -14.42
CA SER A 9 -30.86 20.21 -15.00
C SER A 9 -29.53 20.18 -15.76
N ASP A 10 -29.18 21.31 -16.38
CA ASP A 10 -27.89 21.41 -17.07
C ASP A 10 -26.74 21.14 -16.11
N LEU A 11 -26.75 21.79 -14.95
CA LEU A 11 -25.68 21.62 -13.97
C LEU A 11 -25.70 20.23 -13.35
N GLY A 12 -26.90 19.68 -13.08
CA GLY A 12 -26.98 18.40 -12.41
C GLY A 12 -26.28 17.27 -13.13
N LYS A 13 -26.43 17.21 -14.46
CA LYS A 13 -25.73 16.18 -15.23
C LYS A 13 -24.23 16.43 -15.23
N LYS A 14 -23.82 17.69 -15.30
CA LYS A 14 -22.40 18.01 -15.29
C LYS A 14 -21.76 17.72 -13.94
N LEU A 15 -22.55 17.74 -12.86
CA LEU A 15 -22.01 17.40 -11.54
C LEU A 15 -21.70 15.90 -11.44
N LEU A 16 -22.60 15.05 -11.94
CA LEU A 16 -22.33 13.62 -11.98
C LEU A 16 -21.12 13.32 -12.85
N LYS A 17 -21.07 13.92 -14.03
CA LYS A 17 -19.95 13.72 -14.94
C LYS A 17 -18.63 14.16 -14.31
N ALA A 18 -18.65 15.26 -13.54
CA ALA A 18 -17.44 15.74 -12.90
C ALA A 18 -17.01 14.84 -11.75
N ALA A 19 -17.98 14.28 -11.01
CA ALA A 19 -17.64 13.40 -9.90
C ALA A 19 -17.06 12.08 -10.40
N ARG A 20 -17.59 11.55 -11.50
CA ARG A 20 -17.04 10.34 -12.09
C ARG A 20 -15.60 10.55 -12.54
N ALA A 21 -15.30 11.71 -13.14
CA ALA A 21 -13.94 12.00 -13.61
C ALA A 21 -12.99 12.33 -12.48
N GLY A 22 -13.47 12.47 -11.24
CA GLY A 22 -12.61 12.80 -10.14
C GLY A 22 -12.06 14.22 -10.17
N GLN A 23 -12.87 15.18 -10.62
CA GLN A 23 -12.44 16.57 -10.73
C GLN A 23 -12.96 17.32 -9.51
N LYS A 24 -12.10 17.52 -8.52
CA LYS A 24 -12.53 18.14 -7.27
C LYS A 24 -12.94 19.59 -7.48
N ASP A 25 -12.15 20.36 -8.23
CA ASP A 25 -12.44 21.78 -8.39
C ASP A 25 -13.76 22.00 -9.12
N GLU A 26 -14.03 21.23 -10.17
CA GLU A 26 -15.28 21.39 -10.92
C GLU A 26 -16.49 21.11 -10.04
N VAL A 27 -16.39 20.12 -9.14
CA VAL A 27 -17.49 19.81 -8.25
C VAL A 27 -17.82 21.02 -7.37
N ARG A 28 -16.80 21.66 -6.80
CA ARG A 28 -17.04 22.83 -5.97
C ARG A 28 -17.63 23.98 -6.78
N ILE A 29 -17.16 24.17 -8.02
CA ILE A 29 -17.71 25.21 -8.88
C ILE A 29 -19.18 24.93 -9.17
N LEU A 30 -19.50 23.71 -9.60
CA LEU A 30 -20.88 23.38 -9.92
C LEU A 30 -21.78 23.47 -8.70
N MET A 31 -21.25 23.16 -7.52
CA MET A 31 -22.04 23.31 -6.29
C MET A 31 -22.38 24.77 -6.07
N ALA A 32 -21.40 25.67 -6.23
CA ALA A 32 -21.65 27.09 -6.07
C ALA A 32 -22.63 27.62 -7.10
N ASN A 33 -22.64 27.03 -8.30
CA ASN A 33 -23.60 27.42 -9.33
C ASN A 33 -25.02 26.92 -9.04
N GLY A 34 -25.23 26.19 -7.95
CA GLY A 34 -26.56 25.75 -7.58
C GLY A 34 -26.97 24.42 -8.15
N ALA A 35 -26.03 23.51 -8.39
CA ALA A 35 -26.37 22.19 -8.88
C ALA A 35 -26.89 21.33 -7.72
N ASP A 36 -27.83 20.45 -8.04
CA ASP A 36 -28.38 19.56 -7.03
C ASP A 36 -27.34 18.50 -6.68
N VAL A 37 -26.89 18.53 -5.41
CA VAL A 37 -25.91 17.56 -4.94
C VAL A 37 -26.43 16.13 -4.98
N ASN A 38 -27.74 15.96 -5.13
CA ASN A 38 -28.36 14.64 -5.24
C ASN A 38 -28.92 14.40 -6.64
N ALA A 39 -28.32 15.03 -7.65
CA ALA A 39 -28.73 14.84 -9.03
C ALA A 39 -28.50 13.39 -9.45
N THR A 40 -29.53 12.76 -10.01
CA THR A 40 -29.48 11.34 -10.32
C THR A 40 -29.35 11.12 -11.81
N ASP A 41 -28.66 10.03 -12.18
CA ASP A 41 -28.52 9.63 -13.57
C ASP A 41 -29.69 8.73 -13.96
N ILE A 42 -29.58 8.01 -15.08
CA ILE A 42 -30.66 7.12 -15.51
C ILE A 42 -30.87 6.00 -14.51
N TRP A 43 -29.82 5.62 -13.79
CA TRP A 43 -29.89 4.52 -12.83
C TRP A 43 -30.18 4.99 -11.41
N ASP A 44 -30.44 6.28 -11.20
CA ASP A 44 -30.69 6.86 -9.88
C ASP A 44 -29.44 6.80 -9.00
N ALA A 45 -28.26 6.95 -9.59
CA ALA A 45 -27.02 7.03 -8.85
C ALA A 45 -26.63 8.50 -8.70
N THR A 46 -26.41 8.94 -7.45
CA THR A 46 -26.05 10.31 -7.16
C THR A 46 -24.56 10.55 -7.41
N PRO A 47 -24.10 11.82 -7.39
CA PRO A 47 -22.65 12.04 -7.49
C PRO A 47 -21.88 11.44 -6.33
N LEU A 48 -22.50 11.26 -5.16
CA LEU A 48 -21.82 10.57 -4.08
C LEU A 48 -21.66 9.09 -4.41
N HIS A 49 -22.59 8.51 -5.16
CA HIS A 49 -22.41 7.14 -5.61
C HIS A 49 -21.16 7.01 -6.47
N LEU A 50 -20.92 7.98 -7.34
CA LEU A 50 -19.83 7.87 -8.30
C LEU A 50 -18.49 8.19 -7.67
N ALA A 51 -18.45 9.15 -6.75
CA ALA A 51 -17.22 9.46 -6.03
C ALA A 51 -16.80 8.29 -5.15
N ALA A 52 -17.76 7.58 -4.56
CA ALA A 52 -17.44 6.38 -3.79
C ALA A 52 -16.94 5.26 -4.69
N LEU A 53 -17.54 5.09 -5.86
CA LEU A 53 -17.10 4.06 -6.79
C LEU A 53 -15.71 4.35 -7.33
N ILE A 54 -15.41 5.62 -7.61
CA ILE A 54 -14.08 5.99 -8.09
C ILE A 54 -13.04 5.86 -6.97
N GLY A 55 -13.47 6.03 -5.73
CA GLY A 55 -12.53 6.03 -4.62
C GLY A 55 -11.87 7.36 -4.37
N HIS A 56 -12.49 8.45 -4.79
CA HIS A 56 -12.01 9.79 -4.50
C HIS A 56 -12.56 10.21 -3.15
N ALA A 57 -11.68 10.41 -2.17
CA ALA A 57 -12.13 10.74 -0.83
C ALA A 57 -12.34 12.23 -0.62
N GLU A 58 -11.58 13.06 -1.34
CA GLU A 58 -11.76 14.51 -1.25
C GLU A 58 -13.15 14.92 -1.74
N ILE A 59 -13.60 14.35 -2.86
CA ILE A 59 -14.90 14.73 -3.42
C ILE A 59 -16.04 14.22 -2.54
N VAL A 60 -15.90 13.00 -2.00
CA VAL A 60 -16.93 12.47 -1.11
C VAL A 60 -17.15 13.39 0.08
N ALA A 61 -16.06 13.87 0.69
CA ALA A 61 -16.19 14.79 1.81
C ALA A 61 -16.89 16.08 1.40
N VAL A 62 -16.59 16.58 0.20
CA VAL A 62 -17.23 17.81 -0.28
C VAL A 62 -18.72 17.60 -0.45
N LEU A 63 -19.11 16.53 -1.14
CA LEU A 63 -20.52 16.26 -1.39
C LEU A 63 -21.29 16.10 -0.09
N LEU A 64 -20.74 15.36 0.87
CA LEU A 64 -21.45 15.13 2.13
C LEU A 64 -21.70 16.42 2.89
N GLU A 65 -20.72 17.31 2.95
CA GLU A 65 -20.94 18.56 3.66
C GLU A 65 -21.90 19.48 2.92
N ASN A 66 -22.11 19.25 1.63
CA ASN A 66 -22.99 20.08 0.82
C ASN A 66 -24.41 19.54 0.73
N GLY A 67 -24.75 18.58 1.59
CA GLY A 67 -26.10 18.09 1.70
C GLY A 67 -26.42 16.87 0.86
N ALA A 68 -25.44 16.02 0.59
CA ALA A 68 -25.67 14.81 -0.18
C ALA A 68 -26.23 13.72 0.71
N ASP A 69 -27.13 12.90 0.16
CA ASP A 69 -27.74 11.81 0.91
C ASP A 69 -26.75 10.67 1.04
N VAL A 70 -26.30 10.41 2.27
CA VAL A 70 -25.35 9.34 2.50
C VAL A 70 -25.99 7.96 2.33
N ASN A 71 -27.32 7.88 2.47
CA ASN A 71 -28.04 6.62 2.36
C ASN A 71 -28.80 6.51 1.04
N ALA A 72 -28.43 7.31 0.04
CA ALA A 72 -29.08 7.25 -1.26
C ALA A 72 -28.94 5.85 -1.88
N SER A 73 -30.02 5.37 -2.49
CA SER A 73 -30.04 4.10 -3.17
C SER A 73 -30.40 4.31 -4.64
N ASP A 74 -29.80 3.50 -5.50
CA ASP A 74 -30.10 3.53 -6.92
C ASP A 74 -31.13 2.45 -7.26
N ILE A 75 -31.35 2.23 -8.56
CA ILE A 75 -32.31 1.22 -9.01
C ILE A 75 -31.98 -0.14 -8.41
N THR A 76 -30.70 -0.49 -8.37
CA THR A 76 -30.26 -1.78 -7.86
C THR A 76 -30.30 -1.86 -6.34
N GLY A 77 -30.63 -0.77 -5.65
CA GLY A 77 -30.60 -0.77 -4.20
C GLY A 77 -29.23 -0.57 -3.61
N THR A 78 -28.23 -0.28 -4.45
CA THR A 78 -26.86 -0.10 -4.00
C THR A 78 -26.69 1.29 -3.38
N THR A 79 -26.25 1.33 -2.13
CA THR A 79 -25.89 2.57 -1.48
C THR A 79 -24.40 2.85 -1.67
N PRO A 80 -23.96 4.09 -1.47
CA PRO A 80 -22.53 4.37 -1.66
C PRO A 80 -21.62 3.62 -0.69
N LEU A 81 -22.14 3.17 0.45
CA LEU A 81 -21.35 2.32 1.33
C LEU A 81 -21.10 0.96 0.72
N HIS A 82 -22.06 0.46 -0.07
CA HIS A 82 -21.85 -0.79 -0.80
C HIS A 82 -20.68 -0.66 -1.77
N LEU A 83 -20.62 0.45 -2.50
CA LEU A 83 -19.59 0.62 -3.52
C LEU A 83 -18.21 0.78 -2.89
N ALA A 84 -18.11 1.56 -1.81
CA ALA A 84 -16.84 1.71 -1.11
C ALA A 84 -16.39 0.39 -0.50
N ALA A 85 -17.33 -0.46 -0.08
CA ALA A 85 -16.97 -1.73 0.53
C ALA A 85 -16.42 -2.71 -0.51
N THR A 86 -17.09 -2.80 -1.67
CA THR A 86 -16.65 -3.76 -2.68
C THR A 86 -15.30 -3.37 -3.27
N MET A 87 -15.17 -2.12 -3.69
CA MET A 87 -13.93 -1.66 -4.33
C MET A 87 -12.75 -1.62 -3.36
N GLY A 88 -12.99 -1.71 -2.05
CA GLY A 88 -11.90 -1.75 -1.10
C GLY A 88 -11.38 -0.37 -0.76
N HIS A 89 -12.29 0.57 -0.51
CA HIS A 89 -11.93 1.96 -0.25
C HIS A 89 -12.08 2.21 1.25
N ASP A 90 -10.97 2.02 1.98
CA ASP A 90 -11.01 2.02 3.43
C ASP A 90 -11.40 3.38 3.98
N GLU A 91 -10.87 4.45 3.39
CA GLU A 91 -11.12 5.79 3.91
C GLU A 91 -12.58 6.20 3.71
N ILE A 92 -13.15 5.88 2.53
CA ILE A 92 -14.49 6.34 2.22
C ILE A 92 -15.53 5.56 3.02
N VAL A 93 -15.24 4.30 3.36
CA VAL A 93 -16.13 3.56 4.25
C VAL A 93 -16.22 4.25 5.61
N LEU A 94 -15.08 4.69 6.15
CA LEU A 94 -15.09 5.38 7.44
C LEU A 94 -15.80 6.72 7.35
N ILE A 95 -15.56 7.47 6.26
CA ILE A 95 -16.18 8.79 6.12
C ILE A 95 -17.70 8.65 6.02
N LEU A 96 -18.17 7.73 5.17
CA LEU A 96 -19.61 7.54 5.02
C LEU A 96 -20.26 7.07 6.32
N LEU A 97 -19.53 6.26 7.09
CA LEU A 97 -20.08 5.77 8.37
C LEU A 97 -20.23 6.92 9.36
N LEU A 98 -19.24 7.81 9.43
CA LEU A 98 -19.33 8.94 10.33
C LEU A 98 -20.40 9.94 9.88
N LYS A 99 -20.62 10.04 8.56
CA LYS A 99 -21.67 10.90 8.04
C LYS A 99 -23.07 10.35 8.30
N GLY A 100 -23.19 9.08 8.68
CA GLY A 100 -24.47 8.51 9.06
C GLY A 100 -25.03 7.51 8.08
N ALA A 101 -24.17 6.69 7.50
CA ALA A 101 -24.61 5.65 6.57
C ALA A 101 -25.17 4.46 7.34
N ASP A 102 -26.14 3.78 6.74
CA ASP A 102 -26.74 2.60 7.35
C ASP A 102 -25.85 1.40 7.07
N VAL A 103 -25.22 0.87 8.11
CA VAL A 103 -24.33 -0.27 7.95
C VAL A 103 -25.10 -1.52 7.54
N ASN A 104 -26.39 -1.60 7.85
CA ASN A 104 -27.19 -2.79 7.60
C ASN A 104 -28.15 -2.62 6.43
N ALA A 105 -27.87 -1.67 5.54
CA ALA A 105 -28.66 -1.51 4.32
C ALA A 105 -28.27 -2.56 3.28
N TYR A 106 -29.27 -3.18 2.67
CA TYR A 106 -29.05 -4.21 1.67
C TYR A 106 -29.52 -3.75 0.30
N ASP A 107 -28.97 -4.36 -0.74
CA ASP A 107 -29.35 -4.08 -2.11
C ASP A 107 -30.42 -5.07 -2.56
N LEU A 108 -30.69 -5.11 -3.87
CA LEU A 108 -31.72 -6.01 -4.40
C LEU A 108 -31.35 -7.47 -4.22
N ASN A 109 -30.07 -7.79 -4.03
CA ASN A 109 -29.63 -9.14 -3.73
C ASN A 109 -29.63 -9.44 -2.23
N GLY A 110 -30.08 -8.50 -1.41
CA GLY A 110 -30.10 -8.70 0.03
C GLY A 110 -28.74 -8.69 0.69
N ALA A 111 -27.73 -8.15 0.01
CA ALA A 111 -26.36 -8.17 0.51
C ALA A 111 -26.06 -6.85 1.22
N THR A 112 -25.65 -6.94 2.48
CA THR A 112 -25.19 -5.78 3.23
C THR A 112 -23.73 -5.50 2.90
N PRO A 113 -23.25 -4.29 3.21
CA PRO A 113 -21.82 -3.99 2.95
C PRO A 113 -20.87 -4.95 3.65
N LEU A 114 -21.31 -5.65 4.69
CA LEU A 114 -20.48 -6.68 5.30
C LEU A 114 -20.33 -7.88 4.37
N HIS A 115 -21.38 -8.21 3.62
CA HIS A 115 -21.30 -9.29 2.64
C HIS A 115 -20.32 -8.93 1.54
N LEU A 116 -20.47 -7.74 0.96
CA LEU A 116 -19.64 -7.33 -0.16
C LEU A 116 -18.16 -7.25 0.23
N ALA A 117 -17.87 -6.72 1.42
CA ALA A 117 -16.49 -6.64 1.88
C ALA A 117 -15.89 -8.02 2.10
N ALA A 118 -16.66 -8.94 2.69
CA ALA A 118 -16.16 -10.29 2.93
C ALA A 118 -15.92 -11.05 1.64
N ARG A 119 -16.73 -10.80 0.61
CA ARG A 119 -16.57 -11.48 -0.67
C ARG A 119 -15.25 -11.10 -1.33
N MET A 120 -14.85 -9.83 -1.22
CA MET A 120 -13.62 -9.35 -1.83
C MET A 120 -12.40 -9.59 -0.94
N GLY A 121 -12.58 -10.13 0.26
CA GLY A 121 -11.46 -10.40 1.14
C GLY A 121 -10.86 -9.17 1.77
N HIS A 122 -11.64 -8.10 1.94
CA HIS A 122 -11.16 -6.86 2.55
C HIS A 122 -11.30 -7.01 4.06
N LYS A 123 -10.25 -7.54 4.68
CA LYS A 123 -10.30 -7.84 6.12
C LYS A 123 -10.47 -6.57 6.94
N ARG A 124 -9.74 -5.51 6.56
CA ARG A 124 -9.74 -4.29 7.35
C ARG A 124 -11.12 -3.62 7.36
N ILE A 125 -11.79 -3.60 6.20
CA ILE A 125 -13.13 -3.03 6.10
C ILE A 125 -14.13 -3.82 6.95
N VAL A 126 -13.97 -5.15 6.98
CA VAL A 126 -14.89 -5.99 7.74
C VAL A 126 -14.85 -5.62 9.22
N LEU A 127 -13.65 -5.40 9.76
CA LEU A 127 -13.53 -5.01 11.16
C LEU A 127 -14.16 -3.65 11.40
N VAL A 128 -14.03 -2.73 10.44
CA VAL A 128 -14.64 -1.42 10.57
C VAL A 128 -16.15 -1.53 10.61
N LEU A 129 -16.72 -2.39 9.75
CA LEU A 129 -18.17 -2.55 9.72
C LEU A 129 -18.69 -3.19 11.00
N ILE A 130 -17.97 -4.18 11.54
CA ILE A 130 -18.38 -4.81 12.78
C ILE A 130 -18.37 -3.79 13.92
N LEU A 131 -17.32 -2.96 13.98
CA LEU A 131 -17.27 -1.92 15.00
C LEU A 131 -18.43 -0.94 14.86
N ALA A 132 -18.80 -0.59 13.62
CA ALA A 132 -19.88 0.36 13.42
C ALA A 132 -21.24 -0.23 13.81
N GLY A 133 -21.38 -1.55 13.78
CA GLY A 133 -22.62 -2.18 14.20
C GLY A 133 -23.27 -3.05 13.14
N ALA A 134 -22.46 -3.68 12.31
CA ALA A 134 -22.99 -4.56 11.28
C ALA A 134 -23.57 -5.82 11.89
N ASP A 135 -24.57 -6.38 11.23
CA ASP A 135 -25.19 -7.63 11.64
C ASP A 135 -24.47 -8.77 10.95
N VAL A 136 -23.67 -9.52 11.72
CA VAL A 136 -22.92 -10.64 11.16
C VAL A 136 -23.86 -11.74 10.71
N ASN A 137 -24.95 -11.97 11.47
CA ASN A 137 -25.88 -13.04 11.17
C ASN A 137 -26.69 -12.80 9.90
N ALA A 138 -26.83 -11.54 9.47
CA ALA A 138 -27.72 -11.18 8.38
C ALA A 138 -27.40 -11.98 7.12
N GLN A 139 -28.46 -12.45 6.46
CA GLN A 139 -28.34 -13.29 5.29
C GLN A 139 -28.92 -12.59 4.07
N ASP A 140 -28.42 -12.96 2.89
CA ASP A 140 -28.87 -12.37 1.64
C ASP A 140 -30.02 -13.19 1.07
N LYS A 141 -30.36 -12.94 -0.20
CA LYS A 141 -31.40 -13.72 -0.85
C LYS A 141 -31.04 -15.20 -0.93
N PHE A 142 -29.74 -15.51 -1.08
CA PHE A 142 -29.29 -16.89 -1.12
C PHE A 142 -29.28 -17.56 0.24
N GLY A 143 -29.44 -16.79 1.32
CA GLY A 143 -29.42 -17.35 2.65
C GLY A 143 -28.04 -17.52 3.26
N LYS A 144 -27.03 -16.85 2.72
CA LYS A 144 -25.66 -16.96 3.20
C LYS A 144 -25.30 -15.74 4.05
N THR A 145 -24.64 -16.00 5.17
CA THR A 145 -24.15 -14.94 6.04
C THR A 145 -22.78 -14.47 5.57
N ALA A 146 -22.28 -13.41 6.20
CA ALA A 146 -20.93 -12.94 5.90
C ALA A 146 -19.89 -14.01 6.23
N PHE A 147 -20.14 -14.81 7.28
CA PHE A 147 -19.26 -15.94 7.57
C PHE A 147 -19.33 -17.00 6.48
N ASP A 148 -20.54 -17.24 5.94
CA ASP A 148 -20.71 -18.29 4.94
C ASP A 148 -19.98 -17.95 3.64
N ILE A 149 -19.78 -16.67 3.35
CA ILE A 149 -19.06 -16.31 2.15
C ILE A 149 -17.56 -16.56 2.31
N SER A 150 -17.03 -16.36 3.52
CA SER A 150 -15.59 -16.53 3.74
C SER A 150 -15.17 -17.98 3.62
N ILE A 151 -15.97 -18.92 4.14
CA ILE A 151 -15.61 -20.33 4.06
C ILE A 151 -15.58 -20.81 2.61
N ASP A 152 -16.44 -20.26 1.76
CA ASP A 152 -16.49 -20.70 0.37
C ASP A 152 -15.29 -20.20 -0.43
N ASN A 153 -14.68 -19.08 -0.01
CA ASN A 153 -13.53 -18.53 -0.70
C ASN A 153 -12.21 -18.88 -0.02
N GLY A 154 -12.25 -19.68 1.05
CA GLY A 154 -11.03 -20.13 1.69
C GLY A 154 -10.27 -19.09 2.47
N ASN A 155 -10.93 -18.01 2.91
CA ASN A 155 -10.28 -16.98 3.73
C ASN A 155 -10.49 -17.35 5.19
N GLU A 156 -9.55 -18.13 5.73
CA GLU A 156 -9.69 -18.57 7.12
C GLU A 156 -9.54 -17.41 8.09
N ASP A 157 -8.66 -16.45 7.78
CA ASP A 157 -8.53 -15.26 8.63
C ASP A 157 -9.84 -14.50 8.69
N LEU A 158 -10.52 -14.36 7.54
CA LEU A 158 -11.81 -13.68 7.51
C LEU A 158 -12.87 -14.45 8.29
N ALA A 159 -12.88 -15.77 8.16
CA ALA A 159 -13.92 -16.58 8.78
C ALA A 159 -13.83 -16.57 10.31
N LYS A 160 -12.60 -16.57 10.85
CA LYS A 160 -12.46 -16.61 12.30
C LYS A 160 -13.03 -15.36 12.96
N ILE A 161 -13.00 -14.21 12.28
CA ILE A 161 -13.55 -12.99 12.85
C ILE A 161 -15.06 -13.05 12.89
N LEU A 162 -15.68 -13.59 11.84
CA LEU A 162 -17.13 -13.66 11.72
C LEU A 162 -17.72 -14.85 12.47
N GLN A 163 -16.94 -15.54 13.29
CA GLN A 163 -17.42 -16.68 14.04
C GLN A 163 -18.21 -16.23 15.27
N SER B 9 8.49 -13.74 36.80
CA SER B 9 9.23 -14.98 36.88
C SER B 9 10.14 -15.16 35.65
N ASP B 10 10.91 -16.25 35.64
CA ASP B 10 11.73 -16.56 34.48
C ASP B 10 10.88 -16.70 33.22
N LEU B 11 9.78 -17.43 33.33
CA LEU B 11 8.89 -17.60 32.18
C LEU B 11 8.23 -16.28 31.80
N GLY B 12 7.83 -15.49 32.80
CA GLY B 12 7.20 -14.21 32.51
C GLY B 12 8.10 -13.29 31.71
N LYS B 13 9.39 -13.26 32.05
CA LYS B 13 10.33 -12.42 31.31
C LYS B 13 10.53 -12.94 29.89
N LYS B 14 10.56 -14.27 29.71
CA LYS B 14 10.72 -14.82 28.37
C LYS B 14 9.50 -14.60 27.50
N LEU B 15 8.32 -14.41 28.10
CA LEU B 15 7.14 -14.12 27.31
C LEU B 15 7.22 -12.72 26.70
N LEU B 16 7.72 -11.75 27.48
CA LEU B 16 7.92 -10.41 26.95
C LEU B 16 8.94 -10.43 25.81
N LYS B 17 10.07 -11.11 26.01
CA LYS B 17 11.08 -11.20 24.97
C LYS B 17 10.53 -11.85 23.71
N ALA B 18 9.68 -12.87 23.87
CA ALA B 18 9.12 -13.54 22.69
C ALA B 18 8.13 -12.65 21.96
N ALA B 19 7.36 -11.84 22.71
CA ALA B 19 6.41 -10.94 22.07
C ALA B 19 7.14 -9.80 21.35
N ARG B 20 8.22 -9.29 21.96
CA ARG B 20 9.03 -8.27 21.31
C ARG B 20 9.66 -8.81 20.02
N ALA B 21 10.15 -10.04 20.07
CA ALA B 21 10.78 -10.64 18.89
C ALA B 21 9.77 -11.08 17.83
N GLY B 22 8.48 -11.03 18.13
CA GLY B 22 7.47 -11.44 17.16
C GLY B 22 7.45 -12.94 16.90
N GLN B 23 7.65 -13.75 17.93
CA GLN B 23 7.69 -15.20 17.80
C GLN B 23 6.32 -15.75 18.20
N LYS B 24 5.50 -16.07 17.20
CA LYS B 24 4.13 -16.50 17.46
C LYS B 24 4.10 -17.85 18.18
N ASP B 25 4.88 -18.82 17.70
CA ASP B 25 4.84 -20.16 18.28
C ASP B 25 5.35 -20.17 19.72
N GLU B 26 6.44 -19.46 19.98
CA GLU B 26 7.02 -19.45 21.33
C GLU B 26 6.03 -18.87 22.34
N VAL B 27 5.26 -17.85 21.93
CA VAL B 27 4.25 -17.27 22.81
C VAL B 27 3.23 -18.33 23.22
N ARG B 28 2.77 -19.14 22.26
CA ARG B 28 1.80 -20.18 22.57
C ARG B 28 2.37 -21.20 23.54
N ILE B 29 3.64 -21.56 23.37
CA ILE B 29 4.28 -22.51 24.28
C ILE B 29 4.34 -21.94 25.70
N LEU B 30 4.85 -20.71 25.82
CA LEU B 30 5.01 -20.10 27.15
C LEU B 30 3.66 -19.90 27.84
N MET B 31 2.61 -19.61 27.07
CA MET B 31 1.29 -19.44 27.67
C MET B 31 0.80 -20.75 28.28
N ALA B 32 0.93 -21.85 27.53
CA ALA B 32 0.49 -23.15 28.04
C ALA B 32 1.28 -23.58 29.27
N ASN B 33 2.54 -23.15 29.38
CA ASN B 33 3.36 -23.44 30.54
C ASN B 33 2.96 -22.63 31.77
N GLY B 34 1.95 -21.76 31.66
CA GLY B 34 1.49 -20.99 32.81
C GLY B 34 2.16 -19.67 33.02
N ALA B 35 2.62 -19.01 31.96
CA ALA B 35 3.23 -17.70 32.08
C ALA B 35 2.18 -16.62 32.31
N ASP B 36 2.54 -15.60 33.09
CA ASP B 36 1.64 -14.49 33.36
C ASP B 36 1.49 -13.65 32.10
N VAL B 37 0.27 -13.61 31.55
CA VAL B 37 0.01 -12.84 30.35
C VAL B 37 0.18 -11.34 30.59
N ASN B 38 0.21 -10.90 31.85
CA ASN B 38 0.40 -9.51 32.19
C ASN B 38 1.74 -9.27 32.89
N ALA B 39 2.75 -10.08 32.56
CA ALA B 39 4.07 -9.89 33.14
C ALA B 39 4.65 -8.56 32.69
N THR B 40 5.14 -7.78 33.65
CA THR B 40 5.60 -6.42 33.40
C THR B 40 7.12 -6.36 33.42
N ASP B 41 7.67 -5.44 32.61
CA ASP B 41 9.10 -5.19 32.59
C ASP B 41 9.42 -4.11 33.64
N ILE B 42 10.60 -3.51 33.56
CA ILE B 42 10.95 -2.44 34.49
C ILE B 42 10.04 -1.23 34.28
N TRP B 43 9.50 -1.06 33.07
CA TRP B 43 8.63 0.05 32.75
C TRP B 43 7.16 -0.27 32.93
N ASP B 44 6.83 -1.47 33.43
CA ASP B 44 5.45 -1.92 33.61
C ASP B 44 4.72 -2.08 32.28
N ALA B 45 5.43 -2.51 31.24
CA ALA B 45 4.85 -2.78 29.95
C ALA B 45 4.58 -4.28 29.83
N THR B 46 3.34 -4.64 29.52
CA THR B 46 2.96 -6.04 29.40
C THR B 46 3.40 -6.58 28.04
N PRO B 47 3.31 -7.90 27.83
CA PRO B 47 3.58 -8.42 26.47
C PRO B 47 2.64 -7.90 25.42
N LEU B 48 1.43 -7.47 25.80
CA LEU B 48 0.54 -6.84 24.84
C LEU B 48 1.06 -5.46 24.41
N HIS B 49 1.78 -4.77 25.30
CA HIS B 49 2.41 -3.51 24.93
C HIS B 49 3.41 -3.70 23.79
N LEU B 50 4.20 -4.77 23.86
CA LEU B 50 5.27 -4.97 22.90
C LEU B 50 4.75 -5.52 21.58
N ALA B 51 3.75 -6.39 21.64
CA ALA B 51 3.14 -6.89 20.40
C ALA B 51 2.43 -5.78 19.64
N ALA B 52 1.80 -4.84 20.36
CA ALA B 52 1.18 -3.70 19.70
C ALA B 52 2.23 -2.78 19.09
N LEU B 53 3.32 -2.54 19.80
CA LEU B 53 4.38 -1.69 19.27
C LEU B 53 5.07 -2.34 18.07
N ILE B 54 5.28 -3.65 18.14
CA ILE B 54 5.91 -4.36 17.02
C ILE B 54 4.96 -4.45 15.83
N GLY B 55 3.65 -4.46 16.09
CA GLY B 55 2.68 -4.61 15.02
C GLY B 55 2.36 -6.03 14.62
N HIS B 56 2.58 -7.00 15.51
CA HIS B 56 2.17 -8.38 15.26
C HIS B 56 0.73 -8.56 15.69
N ALA B 57 -0.14 -8.89 14.74
CA ALA B 57 -1.57 -9.01 15.04
C ALA B 57 -1.95 -10.39 15.54
N GLU B 58 -1.25 -11.44 15.09
CA GLU B 58 -1.53 -12.78 15.59
C GLU B 58 -1.24 -12.88 17.08
N ILE B 59 -0.10 -12.35 17.52
CA ILE B 59 0.28 -12.45 18.93
C ILE B 59 -0.64 -11.59 19.79
N VAL B 60 -1.04 -10.42 19.30
CA VAL B 60 -1.99 -9.59 20.02
C VAL B 60 -3.29 -10.36 20.26
N ALA B 61 -3.78 -11.06 19.23
CA ALA B 61 -4.99 -11.85 19.38
C ALA B 61 -4.80 -12.98 20.38
N VAL B 62 -3.64 -13.63 20.36
CA VAL B 62 -3.37 -14.72 21.29
C VAL B 62 -3.35 -14.21 22.72
N LEU B 63 -2.57 -13.15 22.99
CA LEU B 63 -2.47 -12.62 24.34
C LEU B 63 -3.84 -12.20 24.86
N LEU B 64 -4.62 -11.51 24.02
CA LEU B 64 -5.97 -11.10 24.42
C LEU B 64 -6.84 -12.31 24.72
N GLU B 65 -6.68 -13.40 23.94
CA GLU B 65 -7.48 -14.60 24.18
C GLU B 65 -7.14 -15.25 25.51
N ASN B 66 -5.95 -15.01 26.06
CA ASN B 66 -5.52 -15.63 27.29
C ASN B 66 -5.69 -14.74 28.52
N GLY B 67 -6.45 -13.65 28.40
CA GLY B 67 -6.75 -12.82 29.54
C GLY B 67 -5.83 -11.63 29.76
N ALA B 68 -5.30 -11.05 28.69
CA ALA B 68 -4.43 -9.89 28.81
C ALA B 68 -5.26 -8.63 29.02
N ASP B 69 -4.74 -7.73 29.85
CA ASP B 69 -5.41 -6.46 30.13
C ASP B 69 -5.26 -5.54 28.93
N VAL B 70 -6.37 -5.24 28.25
CA VAL B 70 -6.33 -4.39 27.07
C VAL B 70 -6.05 -2.93 27.42
N ASN B 71 -6.36 -2.51 28.66
CA ASN B 71 -6.17 -1.14 29.09
C ASN B 71 -4.98 -0.98 30.03
N ALA B 72 -4.05 -1.94 30.02
CA ALA B 72 -2.87 -1.84 30.86
C ALA B 72 -2.07 -0.59 30.53
N SER B 73 -1.56 0.07 31.57
CA SER B 73 -0.74 1.26 31.43
C SER B 73 0.64 1.01 32.03
N ASP B 74 1.66 1.61 31.42
CA ASP B 74 3.01 1.52 31.93
C ASP B 74 3.32 2.74 32.79
N ILE B 75 4.60 2.89 33.16
CA ILE B 75 5.00 4.04 33.98
C ILE B 75 4.60 5.35 33.34
N THR B 76 4.79 5.46 32.02
CA THR B 76 4.47 6.67 31.28
C THR B 76 2.97 6.84 31.04
N GLY B 77 2.15 5.87 31.42
CA GLY B 77 0.73 5.94 31.14
C GLY B 77 0.32 5.52 29.75
N THR B 78 1.25 4.96 28.97
CA THR B 78 0.97 4.55 27.61
C THR B 78 0.23 3.21 27.63
N THR B 79 -0.96 3.18 27.03
CA THR B 79 -1.71 1.95 26.86
C THR B 79 -1.39 1.32 25.51
N PRO B 80 -1.68 0.04 25.31
CA PRO B 80 -1.36 -0.59 24.01
C PRO B 80 -2.12 0.03 22.86
N LEU B 81 -3.23 0.72 23.11
CA LEU B 81 -3.90 1.44 22.04
C LEU B 81 -3.11 2.66 21.59
N HIS B 82 -2.38 3.30 22.51
CA HIS B 82 -1.50 4.40 22.11
C HIS B 82 -0.42 3.94 21.14
N LEU B 83 0.20 2.79 21.43
CA LEU B 83 1.30 2.32 20.61
C LEU B 83 0.83 1.91 19.22
N ALA B 84 -0.30 1.20 19.14
CA ALA B 84 -0.85 0.83 17.84
C ALA B 84 -1.28 2.05 17.04
N ALA B 85 -1.71 3.12 17.73
CA ALA B 85 -2.14 4.33 17.02
C ALA B 85 -0.95 5.08 16.44
N THR B 86 0.12 5.23 17.22
CA THR B 86 1.27 6.01 16.76
C THR B 86 1.99 5.31 15.62
N MET B 87 2.33 4.04 15.80
CA MET B 87 3.08 3.29 14.79
C MET B 87 2.29 3.04 13.51
N GLY B 88 0.99 3.27 13.51
CA GLY B 88 0.19 3.12 12.31
C GLY B 88 -0.23 1.70 12.01
N HIS B 89 -0.69 0.96 13.01
CA HIS B 89 -1.08 -0.44 12.85
C HIS B 89 -2.60 -0.49 12.86
N ASP B 90 -3.19 -0.39 11.67
CA ASP B 90 -4.64 -0.22 11.55
C ASP B 90 -5.39 -1.41 12.11
N GLU B 91 -4.91 -2.63 11.85
CA GLU B 91 -5.62 -3.83 12.30
C GLU B 91 -5.58 -3.95 13.81
N ILE B 92 -4.43 -3.65 14.43
CA ILE B 92 -4.30 -3.83 15.86
C ILE B 92 -5.12 -2.77 16.60
N VAL B 93 -5.28 -1.59 16.02
CA VAL B 93 -6.19 -0.60 16.60
C VAL B 93 -7.60 -1.14 16.61
N LEU B 94 -8.04 -1.74 15.51
CA LEU B 94 -9.39 -2.31 15.45
C LEU B 94 -9.54 -3.50 16.39
N ILE B 95 -8.53 -4.37 16.45
CA ILE B 95 -8.60 -5.55 17.31
C ILE B 95 -8.70 -5.13 18.77
N LEU B 96 -7.83 -4.21 19.20
CA LEU B 96 -7.88 -3.73 20.58
C LEU B 96 -9.21 -3.03 20.87
N LEU B 97 -9.76 -2.34 19.88
CA LEU B 97 -11.04 -1.67 20.07
C LEU B 97 -12.18 -2.68 20.28
N LEU B 98 -12.18 -3.76 19.51
CA LEU B 98 -13.21 -4.77 19.68
C LEU B 98 -13.04 -5.52 21.00
N LYS B 99 -11.80 -5.66 21.47
CA LYS B 99 -11.55 -6.29 22.76
C LYS B 99 -11.97 -5.40 23.93
N GLY B 100 -12.21 -4.11 23.69
CA GLY B 100 -12.71 -3.23 24.73
C GLY B 100 -11.72 -2.22 25.26
N ALA B 101 -10.89 -1.66 24.37
CA ALA B 101 -9.93 -0.65 24.79
C ALA B 101 -10.61 0.70 24.95
N ASP B 102 -10.08 1.50 25.88
CA ASP B 102 -10.62 2.83 26.16
C ASP B 102 -10.04 3.82 25.15
N VAL B 103 -10.88 4.35 24.26
CA VAL B 103 -10.42 5.32 23.28
C VAL B 103 -9.94 6.59 23.95
N ASN B 104 -10.45 6.89 25.14
CA ASN B 104 -10.19 8.15 25.81
C ASN B 104 -9.21 8.00 26.97
N ALA B 105 -8.40 6.94 26.96
CA ALA B 105 -7.35 6.79 27.95
C ALA B 105 -6.18 7.70 27.56
N TYR B 106 -5.64 8.43 28.53
CA TYR B 106 -4.56 9.36 28.30
C TYR B 106 -3.30 8.93 29.04
N ASP B 107 -2.17 9.38 28.52
CA ASP B 107 -0.87 9.10 29.14
C ASP B 107 -0.49 10.26 30.06
N LEU B 108 0.77 10.30 30.50
CA LEU B 108 1.21 11.36 31.40
C LEU B 108 1.20 12.73 30.73
N ASN B 109 1.20 12.79 29.41
CA ASN B 109 1.04 14.05 28.69
C ASN B 109 -0.41 14.38 28.42
N GLY B 110 -1.35 13.57 28.92
CA GLY B 110 -2.75 13.84 28.68
C GLY B 110 -3.21 13.60 27.26
N ALA B 111 -2.44 12.85 26.48
CA ALA B 111 -2.73 12.63 25.07
C ALA B 111 -3.48 11.31 24.91
N THR B 112 -4.66 11.37 24.30
CA THR B 112 -5.41 10.18 23.95
C THR B 112 -4.88 9.61 22.63
N PRO B 113 -5.19 8.34 22.32
CA PRO B 113 -4.75 7.79 21.03
C PRO B 113 -5.18 8.61 19.83
N LEU B 114 -6.19 9.47 19.97
CA LEU B 114 -6.55 10.38 18.90
C LEU B 114 -5.47 11.44 18.69
N HIS B 115 -4.84 11.89 19.77
CA HIS B 115 -3.74 12.85 19.66
C HIS B 115 -2.56 12.23 18.93
N LEU B 116 -2.11 11.06 19.39
CA LEU B 116 -0.92 10.44 18.80
C LEU B 116 -1.15 10.08 17.33
N ALA B 117 -2.34 9.58 17.00
CA ALA B 117 -2.63 9.28 15.60
C ALA B 117 -2.65 10.54 14.75
N ALA B 118 -3.19 11.64 15.28
CA ALA B 118 -3.26 12.88 14.51
C ALA B 118 -1.87 13.46 14.28
N ARG B 119 -0.94 13.30 15.23
CA ARG B 119 0.41 13.81 15.03
C ARG B 119 1.12 13.08 13.89
N MET B 120 0.90 11.77 13.78
CA MET B 120 1.56 10.97 12.77
C MET B 120 0.86 11.00 11.41
N GLY B 121 -0.29 11.66 11.31
CA GLY B 121 -1.00 11.75 10.04
C GLY B 121 -1.68 10.48 9.60
N HIS B 122 -2.06 9.60 10.54
CA HIS B 122 -2.73 8.35 10.22
C HIS B 122 -4.22 8.65 10.10
N LYS B 123 -4.67 8.99 8.89
CA LYS B 123 -6.05 9.44 8.71
C LYS B 123 -7.06 8.35 9.05
N ARG B 124 -6.81 7.12 8.59
CA ARG B 124 -7.77 6.05 8.83
C ARG B 124 -7.83 5.69 10.32
N ILE B 125 -6.69 5.67 11.00
CA ILE B 125 -6.73 5.41 12.44
C ILE B 125 -7.51 6.52 13.14
N VAL B 126 -7.34 7.76 12.70
CA VAL B 126 -8.10 8.86 13.28
C VAL B 126 -9.59 8.67 13.06
N LEU B 127 -9.97 8.26 11.85
CA LEU B 127 -11.39 8.02 11.57
C LEU B 127 -11.91 6.82 12.37
N VAL B 128 -11.09 5.78 12.53
CA VAL B 128 -11.50 4.62 13.31
C VAL B 128 -11.73 5.01 14.77
N LEU B 129 -10.83 5.83 15.32
CA LEU B 129 -10.96 6.21 16.72
C LEU B 129 -12.21 7.07 16.95
N ILE B 130 -12.52 7.97 16.01
CA ILE B 130 -13.73 8.78 16.14
C ILE B 130 -14.97 7.88 16.08
N LEU B 131 -14.97 6.91 15.17
CA LEU B 131 -16.09 5.97 15.10
C LEU B 131 -16.23 5.18 16.40
N ALA B 132 -15.10 4.81 17.00
CA ALA B 132 -15.15 4.06 18.26
C ALA B 132 -15.66 4.89 19.43
N GLY B 133 -15.54 6.21 19.35
CA GLY B 133 -16.08 7.07 20.38
C GLY B 133 -15.05 7.99 21.03
N ALA B 134 -14.06 8.42 20.25
CA ALA B 134 -13.06 9.32 20.76
C ALA B 134 -13.63 10.72 20.99
N ASP B 135 -13.06 11.42 21.98
CA ASP B 135 -13.44 12.79 22.28
C ASP B 135 -12.55 13.71 21.46
N VAL B 136 -13.13 14.35 20.44
CA VAL B 136 -12.35 15.22 19.57
C VAL B 136 -11.90 16.47 20.32
N ASN B 137 -12.75 16.99 21.20
CA ASN B 137 -12.43 18.22 21.93
C ASN B 137 -11.32 18.02 22.97
N ALA B 138 -11.11 16.79 23.44
CA ALA B 138 -10.20 16.54 24.54
C ALA B 138 -8.80 17.10 24.26
N GLN B 139 -8.21 17.74 25.27
CA GLN B 139 -6.93 18.41 25.14
C GLN B 139 -5.90 17.73 26.04
N ASP B 140 -4.63 17.86 25.65
CA ASP B 140 -3.54 17.24 26.39
C ASP B 140 -3.05 18.16 27.51
N LYS B 141 -1.89 17.85 28.08
CA LYS B 141 -1.32 18.69 29.13
C LYS B 141 -1.03 20.10 28.60
N PHE B 142 -0.62 20.21 27.34
CA PHE B 142 -0.34 21.50 26.73
C PHE B 142 -1.60 22.26 26.35
N GLY B 143 -2.78 21.62 26.38
CA GLY B 143 -4.01 22.27 26.03
C GLY B 143 -4.36 22.25 24.56
N LYS B 144 -3.73 21.38 23.77
CA LYS B 144 -4.00 21.29 22.34
C LYS B 144 -4.88 20.08 22.07
N THR B 145 -5.89 20.28 21.23
CA THR B 145 -6.77 19.20 20.80
C THR B 145 -6.17 18.48 19.60
N ALA B 146 -6.81 17.38 19.21
CA ALA B 146 -6.40 16.68 18.00
C ALA B 146 -6.52 17.57 16.78
N PHE B 147 -7.52 18.45 16.77
CA PHE B 147 -7.66 19.42 15.70
C PHE B 147 -6.49 20.41 15.69
N ASP B 148 -6.04 20.84 16.87
CA ASP B 148 -4.96 21.82 16.95
C ASP B 148 -3.64 21.24 16.49
N ILE B 149 -3.45 19.92 16.63
CA ILE B 149 -2.20 19.31 16.19
C ILE B 149 -2.14 19.21 14.67
N SER B 150 -3.29 18.96 14.03
CA SER B 150 -3.31 18.86 12.58
C SER B 150 -2.99 20.20 11.92
N ILE B 151 -3.49 21.29 12.48
CA ILE B 151 -3.23 22.62 11.94
C ILE B 151 -1.74 22.95 12.02
N ASP B 152 -1.06 22.47 13.06
CA ASP B 152 0.35 22.79 13.23
C ASP B 152 1.23 22.02 12.23
N ASN B 153 0.77 20.87 11.77
CA ASN B 153 1.52 20.06 10.82
C ASN B 153 1.07 20.25 9.38
N GLY B 154 0.11 21.13 9.13
CA GLY B 154 -0.32 21.41 7.77
C GLY B 154 -1.09 20.29 7.09
N ASN B 155 -1.72 19.41 7.86
CA ASN B 155 -2.53 18.33 7.29
C ASN B 155 -3.95 18.83 7.17
N GLU B 156 -4.26 19.45 6.03
CA GLU B 156 -5.59 20.03 5.82
C GLU B 156 -6.65 18.94 5.72
N ASP B 157 -6.31 17.79 5.13
CA ASP B 157 -7.26 16.68 5.06
C ASP B 157 -7.65 16.20 6.45
N LEU B 158 -6.67 16.09 7.35
CA LEU B 158 -6.94 15.65 8.72
C LEU B 158 -7.75 16.70 9.48
N ALA B 159 -7.46 17.99 9.27
CA ALA B 159 -8.10 19.04 10.04
C ALA B 159 -9.60 19.10 9.74
N LYS B 160 -9.98 18.89 8.48
CA LYS B 160 -11.40 18.95 8.11
C LYS B 160 -12.20 17.86 8.82
N ILE B 161 -11.58 16.72 9.11
CA ILE B 161 -12.29 15.63 9.78
C ILE B 161 -12.56 15.96 11.23
N LEU B 162 -11.59 16.60 11.90
CA LEU B 162 -11.69 16.88 13.33
C LEU B 162 -12.52 18.11 13.66
N GLN B 163 -13.25 18.66 12.69
CA GLN B 163 -14.10 19.82 12.93
C GLN B 163 -15.39 19.42 13.65
N ALA C 5 32.89 13.18 8.75
CA ALA C 5 32.07 12.05 9.17
C ALA C 5 30.80 12.52 9.87
N ASP C 6 30.82 13.79 10.30
CA ASP C 6 29.67 14.44 10.92
C ASP C 6 28.95 15.37 9.95
N PRO C 7 29.65 16.04 9.02
CA PRO C 7 28.91 16.70 7.93
C PRO C 7 28.12 15.73 7.06
N LYS C 8 28.59 14.49 6.91
CA LYS C 8 27.78 13.50 6.20
C LYS C 8 26.62 13.01 7.04
N PHE C 9 26.85 12.81 8.35
CA PHE C 9 25.75 12.47 9.24
C PHE C 9 24.72 13.60 9.28
N GLU C 10 25.21 14.84 9.22
CA GLU C 10 24.31 15.99 9.11
C GLU C 10 23.40 15.84 7.90
N SER C 11 23.98 15.54 6.73
CA SER C 11 23.17 15.32 5.53
C SER C 11 22.30 14.08 5.66
N LYS C 12 22.82 13.03 6.31
CA LYS C 12 22.02 11.82 6.49
C LYS C 12 20.85 12.06 7.44
N ALA C 13 21.07 12.84 8.50
CA ALA C 13 19.98 13.13 9.43
C ALA C 13 18.90 13.98 8.77
N ALA C 14 19.30 14.99 8.00
CA ALA C 14 18.33 15.79 7.26
C ALA C 14 17.62 14.97 6.19
N LEU C 15 18.27 13.93 5.67
CA LEU C 15 17.66 13.07 4.68
C LEU C 15 16.44 12.35 5.25
N LEU C 16 16.62 11.63 6.35
CA LEU C 16 15.53 10.87 6.94
C LEU C 16 14.48 11.77 7.55
N ALA C 17 14.89 12.95 8.06
CA ALA C 17 13.93 13.86 8.70
C ALA C 17 12.81 14.27 7.75
N ALA C 18 13.10 14.37 6.45
CA ALA C 18 12.07 14.76 5.49
C ALA C 18 11.02 13.66 5.32
N ARG C 19 11.43 12.41 5.45
CA ARG C 19 10.50 11.28 5.23
C ARG C 19 9.61 11.05 6.45
N GLY C 20 10.21 11.02 7.64
CA GLY C 20 9.46 10.72 8.84
C GLY C 20 9.58 11.81 9.89
N PRO C 21 8.91 12.94 9.67
CA PRO C 21 8.88 13.98 10.70
C PRO C 21 8.00 13.56 11.87
N GLU C 22 8.35 14.04 13.06
CA GLU C 22 7.64 13.74 14.30
C GLU C 22 7.88 12.31 14.76
N GLU C 23 8.91 11.66 14.21
CA GLU C 23 9.27 10.29 14.57
C GLU C 23 10.67 10.24 15.16
N LEU C 24 10.95 9.13 15.83
CA LEU C 24 12.31 8.80 16.22
C LEU C 24 12.92 7.99 15.08
N LEU C 25 14.05 8.46 14.55
CA LEU C 25 14.65 7.84 13.38
C LEU C 25 16.03 7.31 13.73
N CYS C 26 16.29 6.05 13.39
CA CYS C 26 17.58 5.42 13.60
C CYS C 26 18.11 4.91 12.27
N PHE C 27 19.43 4.80 12.16
CA PHE C 27 20.05 4.24 10.98
C PHE C 27 21.47 3.81 11.33
N THR C 28 21.97 2.83 10.58
CA THR C 28 23.35 2.38 10.72
C THR C 28 24.07 2.53 9.39
N GLU C 29 25.37 2.71 9.46
CA GLU C 29 26.21 2.90 8.28
C GLU C 29 27.14 1.72 8.01
N ARG C 30 27.77 1.17 9.06
CA ARG C 30 28.71 0.06 8.92
C ARG C 30 28.24 -1.21 9.60
N LEU C 31 26.99 -1.26 10.06
CA LEU C 31 26.35 -2.39 10.73
C LEU C 31 26.94 -2.66 12.10
N GLU C 32 27.89 -1.84 12.56
CA GLU C 32 28.43 -1.92 13.90
C GLU C 32 28.03 -0.72 14.75
N ASP C 33 27.47 0.31 14.12
CA ASP C 33 27.08 1.55 14.77
C ASP C 33 25.57 1.70 14.73
N LEU C 34 25.08 2.66 15.50
CA LEU C 34 23.66 3.04 15.42
C LEU C 34 23.51 4.48 15.89
N VAL C 35 22.83 5.29 15.11
CA VAL C 35 22.58 6.68 15.42
C VAL C 35 21.07 6.90 15.36
N CYS C 36 20.49 7.28 16.50
CA CYS C 36 19.07 7.59 16.58
C CYS C 36 18.92 9.08 16.85
N PHE C 37 17.87 9.67 16.28
CA PHE C 37 17.68 11.11 16.42
C PHE C 37 16.22 11.46 16.21
N TRP C 38 15.86 12.66 16.65
CA TRP C 38 14.54 13.21 16.41
C TRP C 38 14.65 14.74 16.45
N GLU C 39 13.66 15.40 15.89
CA GLU C 39 13.68 16.85 15.76
C GLU C 39 12.41 17.45 16.34
N GLU C 40 12.57 18.52 17.11
CA GLU C 40 11.45 19.18 17.75
C GLU C 40 11.75 20.66 17.89
N ALA C 41 10.73 21.42 18.29
CA ALA C 41 10.88 22.86 18.44
C ALA C 41 11.66 23.20 19.70
N ALA C 42 12.37 24.32 19.65
CA ALA C 42 13.17 24.77 20.78
C ALA C 42 12.28 25.26 21.92
N SER C 43 12.54 24.76 23.13
CA SER C 43 11.84 25.19 24.33
C SER C 43 12.84 25.85 25.27
N ALA C 44 12.33 26.81 26.05
CA ALA C 44 13.20 27.69 26.83
C ALA C 44 14.06 26.91 27.82
N GLY C 45 13.45 26.04 28.61
CA GLY C 45 14.13 25.33 29.66
C GLY C 45 14.58 23.91 29.35
N VAL C 46 14.47 23.47 28.11
CA VAL C 46 14.70 22.08 27.74
C VAL C 46 15.99 21.97 26.95
N GLY C 47 16.85 21.03 27.35
CA GLY C 47 18.03 20.68 26.62
C GLY C 47 18.17 19.17 26.53
N PRO C 48 19.39 18.68 26.31
CA PRO C 48 19.59 17.22 26.27
C PRO C 48 19.47 16.56 27.64
N GLY C 49 19.61 17.33 28.72
CA GLY C 49 19.43 16.80 30.06
C GLY C 49 17.99 16.72 30.53
N GLN C 50 17.04 17.09 29.67
CA GLN C 50 15.62 17.00 29.97
C GLN C 50 14.95 15.82 29.29
N TYR C 51 15.71 15.02 28.54
CA TYR C 51 15.21 13.77 27.97
C TYR C 51 16.17 12.65 28.37
N SER C 52 15.66 11.42 28.32
CA SER C 52 16.42 10.25 28.75
C SER C 52 16.25 9.15 27.70
N PHE C 53 17.35 8.81 27.03
CA PHE C 53 17.36 7.74 26.05
C PHE C 53 17.77 6.44 26.74
N SER C 54 16.94 5.41 26.61
CA SER C 54 17.21 4.11 27.23
C SER C 54 16.91 3.01 26.24
N TYR C 55 17.79 2.01 26.17
CA TYR C 55 17.64 0.89 25.27
C TYR C 55 17.89 -0.41 26.01
N GLN C 56 17.28 -1.49 25.51
CA GLN C 56 17.44 -2.82 26.09
C GLN C 56 17.58 -3.82 24.96
N LEU C 57 18.65 -4.61 25.00
CA LEU C 57 18.96 -5.55 23.94
C LEU C 57 19.31 -6.89 24.55
N GLU C 58 18.81 -7.95 23.92
CA GLU C 58 18.98 -9.34 24.38
C GLU C 58 18.41 -9.39 25.80
N ASP C 59 19.14 -9.91 26.79
CA ASP C 59 18.70 -9.91 28.18
C ASP C 59 19.59 -9.04 29.06
N GLU C 60 20.34 -8.12 28.46
CA GLU C 60 21.15 -7.17 29.19
C GLU C 60 20.26 -6.08 29.78
N PRO C 61 20.56 -5.60 30.99
CA PRO C 61 19.69 -4.59 31.62
C PRO C 61 19.59 -3.33 30.78
N TRP C 62 18.53 -2.57 31.03
CA TRP C 62 18.29 -1.33 30.31
C TRP C 62 19.45 -0.38 30.49
N LYS C 63 20.03 0.05 29.38
CA LYS C 63 21.18 0.94 29.39
C LYS C 63 20.76 2.33 28.94
N LEU C 64 21.52 3.33 29.38
CA LEU C 64 21.23 4.72 29.09
C LEU C 64 22.22 5.25 28.05
N CYS C 65 21.72 6.04 27.12
CA CYS C 65 22.55 6.62 26.07
C CYS C 65 22.56 8.14 26.19
N ARG C 66 23.71 8.73 25.88
CA ARG C 66 23.92 10.16 26.05
C ARG C 66 23.35 10.93 24.85
N LEU C 67 22.48 11.89 25.14
CA LEU C 67 21.84 12.70 24.11
C LEU C 67 22.66 13.94 23.82
N HIS C 68 22.60 14.40 22.57
CA HIS C 68 23.34 15.58 22.14
C HIS C 68 22.40 16.53 21.40
N GLN C 69 22.36 17.77 21.83
CA GLN C 69 21.55 18.80 21.18
C GLN C 69 22.34 19.51 20.10
N ALA C 70 21.75 19.62 18.91
CA ALA C 70 22.37 20.30 17.78
C ALA C 70 21.30 20.94 16.92
N PRO C 71 21.51 22.16 16.44
CA PRO C 71 20.50 22.82 15.62
C PRO C 71 20.56 22.38 14.17
N THR C 72 19.41 22.51 13.50
CA THR C 72 19.27 22.16 12.09
C THR C 72 19.14 23.43 11.25
N ALA C 73 19.20 23.24 9.93
CA ALA C 73 19.04 24.37 9.02
C ALA C 73 17.60 24.87 9.00
N ARG C 74 16.63 23.99 9.22
CA ARG C 74 15.23 24.37 9.18
C ARG C 74 14.73 24.99 10.47
N GLY C 75 15.61 25.20 11.46
CA GLY C 75 15.26 25.88 12.68
C GLY C 75 14.95 24.97 13.85
N ALA C 76 14.63 23.70 13.59
CA ALA C 76 14.31 22.78 14.66
C ALA C 76 15.58 22.38 15.42
N VAL C 77 15.36 21.72 16.55
CA VAL C 77 16.44 21.25 17.42
C VAL C 77 16.51 19.72 17.28
N ARG C 78 17.68 19.22 16.92
CA ARG C 78 17.88 17.79 16.73
C ARG C 78 18.59 17.21 17.96
N PHE C 79 17.99 16.17 18.53
CA PHE C 79 18.59 15.42 19.62
C PHE C 79 18.97 14.05 19.09
N TRP C 80 20.23 13.67 19.25
CA TRP C 80 20.74 12.42 18.73
C TRP C 80 21.59 11.70 19.77
N CYS C 81 21.60 10.37 19.67
CA CYS C 81 22.35 9.51 20.58
C CYS C 81 22.99 8.42 19.74
N SER C 82 24.27 8.12 20.01
CA SER C 82 25.01 7.11 19.27
C SER C 82 25.25 5.92 20.19
N LEU C 83 24.57 4.81 19.90
CA LEU C 83 24.72 3.61 20.73
C LEU C 83 26.12 3.05 20.57
N PRO C 84 26.73 2.54 21.64
CA PRO C 84 28.08 1.98 21.54
C PRO C 84 28.10 0.71 20.69
N THR C 85 29.29 0.43 20.15
CA THR C 85 29.45 -0.71 19.25
C THR C 85 29.17 -2.04 19.95
N ALA C 86 29.54 -2.15 21.23
CA ALA C 86 29.38 -3.41 21.95
C ALA C 86 27.92 -3.82 22.05
N ASP C 87 27.00 -2.87 22.01
CA ASP C 87 25.58 -3.16 22.13
C ASP C 87 24.88 -3.30 20.79
N THR C 88 25.59 -3.11 19.68
CA THR C 88 24.95 -3.22 18.36
C THR C 88 25.16 -4.62 17.82
N SER C 89 24.21 -5.50 18.13
CA SER C 89 24.17 -6.85 17.58
C SER C 89 23.07 -6.89 16.53
N SER C 90 23.43 -7.36 15.33
CA SER C 90 22.69 -6.96 14.15
C SER C 90 21.31 -7.60 14.07
N PHE C 91 21.13 -8.81 14.59
CA PHE C 91 19.96 -9.61 14.24
C PHE C 91 19.03 -9.87 15.43
N VAL C 92 19.10 -9.06 16.48
CA VAL C 92 18.17 -9.22 17.60
C VAL C 92 17.34 -7.95 17.75
N PRO C 93 16.13 -8.01 18.30
CA PRO C 93 15.34 -6.79 18.47
C PRO C 93 15.95 -5.89 19.53
N LEU C 94 15.85 -4.58 19.30
CA LEU C 94 16.41 -3.57 20.20
C LEU C 94 15.30 -2.61 20.59
N GLU C 95 14.93 -2.60 21.87
CA GLU C 95 13.90 -1.71 22.38
C GLU C 95 14.51 -0.35 22.70
N LEU C 96 13.84 0.71 22.26
CA LEU C 96 14.30 2.07 22.50
C LEU C 96 13.22 2.86 23.24
N ARG C 97 13.66 3.78 24.09
CA ARG C 97 12.73 4.59 24.86
C ARG C 97 13.32 5.99 25.07
N VAL C 98 12.48 7.00 24.84
CA VAL C 98 12.82 8.40 25.12
C VAL C 98 11.76 8.90 26.09
N THR C 99 12.17 9.20 27.32
CA THR C 99 11.27 9.64 28.37
C THR C 99 11.61 11.07 28.78
N ALA C 100 10.57 11.89 28.93
CA ALA C 100 10.77 13.27 29.37
C ALA C 100 11.19 13.30 30.83
N ALA C 101 11.89 14.37 31.21
CA ALA C 101 12.38 14.52 32.59
C ALA C 101 11.24 14.52 33.61
N SER C 102 10.01 14.81 33.18
CA SER C 102 8.86 14.74 34.06
C SER C 102 8.35 13.33 34.27
N GLY C 103 8.80 12.36 33.46
CA GLY C 103 8.29 11.01 33.48
C GLY C 103 7.33 10.70 32.33
N ALA C 104 6.96 11.70 31.55
CA ALA C 104 6.01 11.56 30.46
C ALA C 104 6.66 10.91 29.25
N PRO C 105 5.88 10.21 28.43
CA PRO C 105 6.45 9.54 27.26
C PRO C 105 6.79 10.50 26.14
N ARG C 106 7.68 10.06 25.26
CA ARG C 106 8.03 10.80 24.05
C ARG C 106 8.11 9.86 22.84
N TYR C 107 9.01 8.88 22.91
CA TYR C 107 9.15 7.89 21.86
C TYR C 107 9.37 6.51 22.46
N HIS C 108 8.89 5.50 21.74
CA HIS C 108 9.07 4.10 22.15
C HIS C 108 9.04 3.26 20.88
N ARG C 109 10.08 2.47 20.65
CA ARG C 109 10.19 1.74 19.40
C ARG C 109 11.00 0.46 19.61
N VAL C 110 10.81 -0.47 18.68
CA VAL C 110 11.60 -1.69 18.60
C VAL C 110 12.11 -1.82 17.17
N ILE C 111 13.43 -1.89 17.00
CA ILE C 111 14.06 -1.90 15.70
C ILE C 111 15.05 -3.06 15.62
N HIS C 112 15.43 -3.39 14.40
CA HIS C 112 16.49 -4.36 14.13
C HIS C 112 17.63 -3.62 13.44
N ILE C 113 18.86 -3.82 13.95
CA ILE C 113 20.02 -3.12 13.41
C ILE C 113 20.14 -3.34 11.90
N ASN C 114 19.87 -4.57 11.44
CA ASN C 114 20.05 -4.89 10.03
C ASN C 114 18.98 -4.26 9.15
N GLU C 115 17.80 -3.98 9.71
CA GLU C 115 16.68 -3.45 8.95
C GLU C 115 16.74 -1.94 8.76
N VAL C 116 17.75 -1.26 9.28
CA VAL C 116 17.82 0.20 9.19
C VAL C 116 19.20 0.64 8.76
N VAL C 117 19.55 0.39 7.50
CA VAL C 117 20.87 0.68 6.97
C VAL C 117 20.76 1.83 5.98
N LEU C 118 21.51 2.90 6.24
CA LEU C 118 21.56 4.06 5.36
C LEU C 118 23.00 4.22 4.88
N LEU C 119 23.26 3.88 3.62
CA LEU C 119 24.60 3.89 3.07
C LEU C 119 25.03 5.32 2.75
N ASP C 120 26.30 5.46 2.38
CA ASP C 120 26.82 6.72 1.89
C ASP C 120 26.45 6.90 0.42
N ALA C 121 26.69 8.10 -0.08
CA ALA C 121 26.40 8.34 -1.49
C ALA C 121 27.52 7.74 -2.35
N PRO C 122 27.18 7.18 -3.51
CA PRO C 122 28.23 6.70 -4.42
C PRO C 122 29.10 7.85 -4.90
N VAL C 123 30.32 7.49 -5.32
CA VAL C 123 31.32 8.48 -5.72
C VAL C 123 31.86 8.13 -7.09
N GLY C 124 32.50 9.12 -7.71
CA GLY C 124 33.14 8.94 -9.00
C GLY C 124 32.21 8.58 -10.13
N LEU C 125 31.07 9.27 -10.24
CA LEU C 125 30.14 9.04 -11.33
C LEU C 125 30.67 9.68 -12.60
N VAL C 126 30.87 8.88 -13.64
CA VAL C 126 31.43 9.34 -14.90
C VAL C 126 30.47 8.98 -16.02
N ALA C 127 30.11 9.98 -16.83
CA ALA C 127 29.22 9.79 -17.97
C ALA C 127 29.99 10.05 -19.27
N ARG C 128 30.02 9.06 -20.14
CA ARG C 128 30.67 9.17 -21.44
C ARG C 128 29.70 8.69 -22.51
N LEU C 129 29.61 9.45 -23.60
CA LEU C 129 28.69 9.14 -24.69
C LEU C 129 29.33 8.21 -25.71
N ALA C 130 28.76 7.00 -25.85
CA ALA C 130 29.11 6.12 -26.95
C ALA C 130 27.89 6.05 -27.87
N ASP C 131 28.12 6.00 -29.19
CA ASP C 131 27.00 6.09 -30.12
C ASP C 131 26.08 4.88 -30.02
N GLU C 132 24.77 5.15 -30.00
CA GLU C 132 23.74 4.13 -30.13
C GLU C 132 22.43 4.76 -30.57
N HIS C 135 23.45 7.41 -27.08
CA HIS C 135 23.41 6.76 -25.77
C HIS C 135 24.60 7.18 -24.91
N VAL C 136 24.44 7.08 -23.59
CA VAL C 136 25.48 7.41 -22.64
C VAL C 136 25.67 6.24 -21.69
N VAL C 137 26.91 5.85 -21.45
CA VAL C 137 27.25 4.80 -20.50
C VAL C 137 27.74 5.46 -19.22
N LEU C 138 27.14 5.07 -18.10
CA LEU C 138 27.48 5.63 -16.80
C LEU C 138 28.28 4.63 -15.98
N ARG C 139 29.37 5.09 -15.38
CA ARG C 139 30.20 4.28 -14.50
C ARG C 139 30.42 5.03 -13.20
N TRP C 140 30.50 4.28 -12.10
CA TRP C 140 30.68 4.86 -10.78
C TRP C 140 31.29 3.83 -9.86
N LEU C 141 31.74 4.30 -8.68
CA LEU C 141 32.34 3.54 -7.60
C LEU C 141 31.35 3.35 -6.46
N PRO C 142 31.49 2.28 -5.68
CA PRO C 142 30.58 2.06 -4.55
C PRO C 142 30.79 3.10 -3.45
N PRO C 143 29.84 3.24 -2.54
CA PRO C 143 30.02 4.19 -1.43
C PRO C 143 31.23 3.83 -0.59
N PRO C 144 31.98 4.82 -0.12
CA PRO C 144 33.22 4.53 0.60
C PRO C 144 32.96 3.87 1.94
N GLU C 145 33.89 2.97 2.31
CA GLU C 145 33.86 2.26 3.60
C GLU C 145 32.51 1.59 3.82
N THR C 146 32.08 0.81 2.83
CA THR C 146 30.81 0.09 2.88
C THR C 146 31.06 -1.37 2.57
N PRO C 147 30.64 -2.29 3.44
CA PRO C 147 30.90 -3.72 3.20
C PRO C 147 29.92 -4.31 2.20
N MET C 148 30.22 -5.55 1.81
CA MET C 148 29.40 -6.38 0.91
C MET C 148 28.92 -5.58 -0.30
N THR C 149 29.88 -5.23 -1.15
CA THR C 149 29.57 -4.50 -2.38
C THR C 149 28.64 -5.30 -3.27
N SER C 150 28.85 -6.62 -3.36
CA SER C 150 28.05 -7.48 -4.22
C SER C 150 26.57 -7.50 -3.82
N HIS C 151 26.22 -6.98 -2.65
CA HIS C 151 24.84 -6.95 -2.17
C HIS C 151 24.31 -5.53 -2.06
N ILE C 152 24.78 -4.62 -2.91
CA ILE C 152 24.35 -3.22 -2.90
C ILE C 152 23.60 -2.94 -4.19
N ARG C 153 22.34 -2.50 -4.06
CA ARG C 153 21.53 -2.13 -5.19
C ARG C 153 21.65 -0.63 -5.45
N TYR C 154 21.61 -0.25 -6.73
CA TYR C 154 21.78 1.13 -7.14
C TYR C 154 20.55 1.61 -7.91
N GLU C 155 20.52 2.93 -8.11
CA GLU C 155 19.46 3.59 -8.88
C GLU C 155 20.01 4.88 -9.46
N VAL C 156 19.79 5.10 -10.75
CA VAL C 156 20.32 6.26 -11.46
C VAL C 156 19.16 7.19 -11.82
N ASP C 157 19.41 8.50 -11.75
CA ASP C 157 18.42 9.52 -12.05
C ASP C 157 18.89 10.35 -13.23
N VAL C 158 17.99 10.60 -14.18
CA VAL C 158 18.24 11.43 -15.35
C VAL C 158 17.32 12.65 -15.27
N SER C 159 17.87 13.83 -15.54
CA SER C 159 17.11 15.07 -15.49
C SER C 159 17.16 15.77 -16.84
N ALA C 160 16.00 16.26 -17.29
CA ALA C 160 15.89 16.97 -18.56
C ALA C 160 15.23 18.33 -18.37
N VAL C 167 12.14 13.50 -16.57
CA VAL C 167 13.06 12.76 -15.72
C VAL C 167 12.96 11.26 -16.00
N GLN C 168 14.01 10.51 -15.65
CA GLN C 168 13.99 9.07 -15.75
C GLN C 168 14.83 8.45 -14.65
N ARG C 169 14.33 7.35 -14.09
CA ARG C 169 15.00 6.66 -12.99
C ARG C 169 15.07 5.18 -13.32
N VAL C 170 16.29 4.65 -13.41
CA VAL C 170 16.54 3.28 -13.83
C VAL C 170 17.12 2.50 -12.66
N GLU C 171 16.60 1.29 -12.46
CA GLU C 171 17.11 0.40 -11.41
C GLU C 171 18.30 -0.39 -11.94
N ILE C 172 19.26 -0.64 -11.05
CA ILE C 172 20.49 -1.36 -11.40
C ILE C 172 20.57 -2.60 -10.52
N LEU C 173 20.77 -3.75 -11.13
CA LEU C 173 20.87 -4.99 -10.38
C LEU C 173 22.05 -4.91 -9.42
N GLU C 174 21.89 -5.52 -8.25
CA GLU C 174 22.91 -5.44 -7.21
C GLU C 174 24.23 -6.01 -7.69
N GLY C 175 25.32 -5.32 -7.39
CA GLY C 175 26.63 -5.73 -7.82
C GLY C 175 27.13 -4.93 -9.01
N ARG C 176 26.25 -4.70 -9.99
CA ARG C 176 26.64 -3.97 -11.18
C ARG C 176 26.84 -2.49 -10.86
N THR C 177 27.94 -1.92 -11.34
CA THR C 177 28.27 -0.52 -11.11
C THR C 177 28.38 0.26 -12.41
N GLU C 178 27.61 -0.15 -13.42
CA GLU C 178 27.59 0.57 -14.69
C GLU C 178 26.32 0.23 -15.44
N CYS C 179 25.90 1.13 -16.31
CA CYS C 179 24.67 0.95 -17.07
C CYS C 179 24.76 1.72 -18.39
N VAL C 180 23.92 1.31 -19.33
CA VAL C 180 23.80 1.96 -20.64
C VAL C 180 22.37 2.41 -20.83
N LEU C 181 22.18 3.70 -21.13
CA LEU C 181 20.85 4.25 -21.33
C LEU C 181 20.51 4.12 -22.81
N SER C 182 19.38 3.46 -23.12
CA SER C 182 19.12 3.06 -24.50
C SER C 182 18.68 4.24 -25.36
N ASN C 183 17.49 4.80 -25.08
CA ASN C 183 16.89 5.83 -25.93
C ASN C 183 16.86 7.15 -25.16
N LEU C 184 17.25 8.23 -25.85
CA LEU C 184 17.26 9.57 -25.29
C LEU C 184 16.77 10.56 -26.35
N ARG C 185 16.30 11.72 -25.89
CA ARG C 185 15.64 12.69 -26.75
C ARG C 185 16.61 13.47 -27.64
N GLY C 186 17.90 13.44 -27.35
CA GLY C 186 18.85 14.22 -28.12
C GLY C 186 20.17 14.37 -27.40
N ARG C 187 21.15 14.83 -28.17
CA ARG C 187 22.56 14.95 -27.80
C ARG C 187 22.81 15.99 -26.72
N THR C 188 21.76 16.65 -26.21
CA THR C 188 21.96 17.63 -25.17
C THR C 188 22.42 16.93 -23.89
N ARG C 189 23.09 17.70 -23.03
CA ARG C 189 23.62 17.15 -21.80
C ARG C 189 22.50 16.93 -20.78
N TYR C 190 22.38 15.70 -20.31
CA TYR C 190 21.47 15.29 -19.27
C TYR C 190 22.21 15.28 -17.93
N THR C 191 21.48 15.52 -16.86
CA THR C 191 22.06 15.53 -15.52
C THR C 191 21.79 14.18 -14.86
N PHE C 192 22.85 13.49 -14.48
CA PHE C 192 22.78 12.16 -13.90
C PHE C 192 23.19 12.18 -12.43
N ALA C 193 22.57 11.28 -11.67
CA ALA C 193 22.92 11.07 -10.27
C ALA C 193 22.52 9.65 -9.90
N VAL C 194 23.31 9.05 -9.01
CA VAL C 194 23.08 7.67 -8.60
C VAL C 194 23.03 7.60 -7.07
N ARG C 195 22.17 6.74 -6.56
CA ARG C 195 22.09 6.46 -5.13
C ARG C 195 22.04 4.95 -4.93
N ALA C 196 22.38 4.52 -3.72
CA ALA C 196 22.60 3.11 -3.42
C ALA C 196 21.74 2.71 -2.23
N ARG C 197 21.36 1.43 -2.21
CA ARG C 197 20.61 0.86 -1.10
C ARG C 197 21.16 -0.53 -0.82
N MET C 198 20.84 -1.05 0.35
CA MET C 198 21.23 -2.39 0.75
C MET C 198 20.20 -3.39 0.26
N ALA C 199 20.67 -4.54 -0.23
CA ALA C 199 19.72 -5.47 -0.81
C ALA C 199 19.20 -6.46 0.22
N GLU C 200 19.33 -7.74 -0.09
CA GLU C 200 18.69 -8.81 0.69
C GLU C 200 19.77 -9.77 1.16
N PRO C 201 19.45 -10.88 1.87
CA PRO C 201 18.20 -11.52 2.38
C PRO C 201 17.58 -10.91 3.63
N SER C 202 18.38 -10.68 4.68
CA SER C 202 17.87 -10.11 5.92
C SER C 202 18.01 -8.60 5.97
N PHE C 203 18.95 -8.05 5.23
CA PHE C 203 19.25 -6.63 5.28
C PHE C 203 18.18 -5.80 4.59
N GLY C 204 18.11 -4.53 4.98
CA GLY C 204 17.20 -3.58 4.37
C GLY C 204 17.47 -2.21 4.95
N GLY C 205 16.73 -1.23 4.44
CA GLY C 205 16.88 0.12 4.95
C GLY C 205 16.35 1.21 4.03
N PHE C 206 17.13 2.27 3.88
CA PHE C 206 16.71 3.46 3.17
C PHE C 206 17.62 3.74 1.98
N TRP C 207 17.11 4.53 1.05
CA TRP C 207 17.94 5.00 -0.06
C TRP C 207 18.95 6.02 0.44
N SER C 208 20.19 5.87 0.00
CA SER C 208 21.24 6.83 0.37
C SER C 208 21.01 8.16 -0.36
N ALA C 209 21.91 9.11 -0.11
CA ALA C 209 21.84 10.38 -0.81
C ALA C 209 22.33 10.22 -2.24
N TRP C 210 22.00 11.22 -3.07
CA TRP C 210 22.43 11.20 -4.45
C TRP C 210 23.92 11.53 -4.55
N SER C 211 24.54 11.03 -5.62
CA SER C 211 25.93 11.32 -5.88
C SER C 211 26.08 12.75 -6.43
N GLU C 212 27.32 13.18 -6.55
CA GLU C 212 27.61 14.47 -7.16
C GLU C 212 27.15 14.44 -8.61
N PRO C 213 26.25 15.34 -9.02
CA PRO C 213 25.68 15.23 -10.36
C PRO C 213 26.70 15.54 -11.45
N VAL C 214 26.47 14.94 -12.62
CA VAL C 214 27.29 15.15 -13.80
C VAL C 214 26.38 15.44 -14.98
N SER C 215 26.91 16.13 -15.97
CA SER C 215 26.13 16.51 -17.14
C SER C 215 26.77 16.02 -18.44
N ALA D 5 -7.23 -13.39 -33.54
CA ALA D 5 -7.67 -12.39 -32.58
C ALA D 5 -8.83 -12.93 -31.73
N ASP D 6 -9.46 -14.00 -32.19
CA ASP D 6 -10.52 -14.65 -31.41
C ASP D 6 -9.98 -15.91 -30.75
N PRO D 7 -9.10 -16.70 -31.38
CA PRO D 7 -8.36 -17.70 -30.61
C PRO D 7 -7.40 -17.07 -29.61
N LYS D 8 -6.90 -15.88 -29.90
CA LYS D 8 -6.05 -15.17 -28.95
C LYS D 8 -6.87 -14.54 -27.82
N PHE D 9 -8.05 -14.02 -28.13
CA PHE D 9 -8.92 -13.48 -27.09
C PHE D 9 -9.32 -14.55 -26.09
N GLU D 10 -9.57 -15.78 -26.57
CA GLU D 10 -9.82 -16.90 -25.68
C GLU D 10 -8.65 -17.11 -24.71
N SER D 11 -7.43 -17.17 -25.25
CA SER D 11 -6.26 -17.31 -24.39
C SER D 11 -6.09 -16.09 -23.50
N LYS D 12 -6.38 -14.89 -24.03
CA LYS D 12 -6.31 -13.68 -23.23
C LYS D 12 -7.40 -13.68 -22.15
N ALA D 13 -8.59 -14.18 -22.48
CA ALA D 13 -9.66 -14.23 -21.49
C ALA D 13 -9.33 -15.22 -20.37
N ALA D 14 -8.80 -16.39 -20.73
CA ALA D 14 -8.38 -17.35 -19.70
C ALA D 14 -7.20 -16.81 -18.89
N LEU D 15 -6.37 -15.98 -19.52
CA LEU D 15 -5.22 -15.40 -18.81
C LEU D 15 -5.68 -14.51 -17.66
N LEU D 16 -6.52 -13.51 -17.96
CA LEU D 16 -6.96 -12.57 -16.94
C LEU D 16 -7.88 -13.22 -15.91
N ALA D 17 -8.64 -14.23 -16.32
CA ALA D 17 -9.56 -14.90 -15.40
C ALA D 17 -8.84 -15.46 -14.18
N ALA D 18 -7.59 -15.90 -14.35
CA ALA D 18 -6.85 -16.45 -13.21
C ALA D 18 -6.47 -15.36 -12.20
N ARG D 19 -6.21 -14.15 -12.67
CA ARG D 19 -5.77 -13.08 -11.78
C ARG D 19 -6.94 -12.45 -11.03
N GLY D 20 -8.01 -12.12 -11.73
CA GLY D 20 -9.14 -11.46 -11.11
C GLY D 20 -10.45 -12.22 -11.28
N PRO D 21 -10.60 -13.34 -10.59
CA PRO D 21 -11.88 -14.04 -10.61
C PRO D 21 -12.92 -13.36 -9.72
N GLU D 22 -14.18 -13.59 -10.09
CA GLU D 22 -15.41 -13.08 -9.45
C GLU D 22 -15.69 -11.61 -9.77
N GLU D 23 -14.95 -11.00 -10.70
CA GLU D 23 -15.22 -9.65 -11.18
C GLU D 23 -15.29 -9.61 -12.71
N LEU D 24 -15.77 -8.48 -13.21
CA LEU D 24 -15.78 -8.19 -14.64
C LEU D 24 -14.44 -7.62 -15.08
N LEU D 25 -13.85 -8.24 -16.10
CA LEU D 25 -12.53 -7.88 -16.61
C LEU D 25 -12.65 -7.38 -18.05
N CYS D 26 -12.00 -6.26 -18.34
CA CYS D 26 -11.97 -5.66 -19.66
C CYS D 26 -10.52 -5.54 -20.11
N PHE D 27 -10.32 -5.50 -21.42
CA PHE D 27 -8.98 -5.25 -21.96
C PHE D 27 -9.09 -4.80 -23.40
N THR D 28 -8.09 -4.04 -23.84
CA THR D 28 -7.95 -3.61 -25.22
C THR D 28 -6.61 -4.10 -25.76
N GLU D 29 -6.55 -4.28 -27.08
CA GLU D 29 -5.35 -4.78 -27.76
C GLU D 29 -4.67 -3.72 -28.62
N ARG D 30 -5.45 -2.96 -29.40
CA ARG D 30 -4.91 -1.95 -30.30
C ARG D 30 -5.38 -0.54 -29.93
N LEU D 31 -6.01 -0.37 -28.77
CA LEU D 31 -6.49 0.90 -28.24
C LEU D 31 -7.68 1.43 -29.01
N GLU D 32 -8.19 0.69 -29.99
CA GLU D 32 -9.41 1.06 -30.70
C GLU D 32 -10.58 0.15 -30.36
N ASP D 33 -10.32 -0.97 -29.70
CA ASP D 33 -11.33 -1.95 -29.33
C ASP D 33 -11.46 -1.99 -27.81
N LEU D 34 -12.50 -2.68 -27.35
CA LEU D 34 -12.65 -2.98 -25.93
C LEU D 34 -13.52 -4.21 -25.80
N VAL D 35 -13.04 -5.20 -25.05
CA VAL D 35 -13.77 -6.43 -24.81
C VAL D 35 -13.83 -6.66 -23.30
N CYS D 36 -15.05 -6.71 -22.76
CA CYS D 36 -15.27 -6.98 -21.34
C CYS D 36 -15.89 -8.36 -21.18
N PHE D 37 -15.54 -9.05 -20.11
CA PHE D 37 -16.02 -10.41 -19.91
C PHE D 37 -16.00 -10.77 -18.44
N TRP D 38 -16.76 -11.82 -18.11
CA TRP D 38 -16.76 -12.39 -16.77
C TRP D 38 -17.19 -13.85 -16.89
N GLU D 39 -16.88 -14.62 -15.84
CA GLU D 39 -17.14 -16.05 -15.82
C GLU D 39 -17.93 -16.42 -14.58
N GLU D 40 -18.95 -17.27 -14.76
CA GLU D 40 -19.79 -17.70 -13.66
C GLU D 40 -20.27 -19.12 -13.92
N ALA D 41 -20.89 -19.71 -12.90
CA ALA D 41 -21.36 -21.08 -13.00
C ALA D 41 -22.60 -21.16 -13.88
N ALA D 42 -22.77 -22.31 -14.54
CA ALA D 42 -23.91 -22.51 -15.42
C ALA D 42 -25.20 -22.65 -14.62
N SER D 43 -26.21 -21.89 -14.98
CA SER D 43 -27.52 -21.96 -14.36
C SER D 43 -28.54 -22.39 -15.41
N ALA D 44 -29.59 -23.08 -14.94
CA ALA D 44 -30.50 -23.75 -15.85
C ALA D 44 -31.18 -22.77 -16.79
N GLY D 45 -31.71 -21.67 -16.24
CA GLY D 45 -32.48 -20.70 -17.00
C GLY D 45 -31.74 -19.46 -17.44
N VAL D 46 -30.42 -19.40 -17.30
CA VAL D 46 -29.66 -18.18 -17.52
C VAL D 46 -28.88 -18.32 -18.83
N GLY D 47 -28.97 -17.31 -19.68
CA GLY D 47 -28.15 -17.17 -20.85
C GLY D 47 -27.67 -15.74 -20.99
N PRO D 48 -27.31 -15.32 -22.21
CA PRO D 48 -26.94 -13.91 -22.41
C PRO D 48 -28.14 -12.97 -22.38
N GLY D 49 -29.36 -13.48 -22.57
CA GLY D 49 -30.57 -12.69 -22.49
C GLY D 49 -31.11 -12.47 -21.10
N GLN D 50 -30.44 -12.99 -20.07
CA GLN D 50 -30.82 -12.75 -18.69
C GLN D 50 -29.93 -11.73 -18.00
N TYR D 51 -28.95 -11.18 -18.74
CA TYR D 51 -28.12 -10.10 -18.25
C TYR D 51 -28.16 -8.96 -19.27
N SER D 52 -27.82 -7.76 -18.81
CA SER D 52 -27.90 -6.57 -19.64
C SER D 52 -26.61 -5.77 -19.46
N PHE D 53 -25.82 -5.67 -20.54
CA PHE D 53 -24.61 -4.88 -20.53
C PHE D 53 -24.92 -3.47 -21.05
N SER D 54 -24.59 -2.47 -20.25
CA SER D 54 -24.82 -1.08 -20.61
C SER D 54 -23.59 -0.26 -20.27
N TYR D 55 -23.22 0.64 -21.18
CA TYR D 55 -22.07 1.51 -20.98
C TYR D 55 -22.44 2.95 -21.32
N GLN D 56 -21.74 3.88 -20.69
CA GLN D 56 -21.95 5.30 -20.94
C GLN D 56 -20.60 6.00 -20.99
N LEU D 57 -20.35 6.71 -22.07
CA LEU D 57 -19.06 7.33 -22.28
C LEU D 57 -19.24 8.77 -22.75
N GLU D 58 -18.41 9.66 -22.21
CA GLU D 58 -18.43 11.10 -22.47
C GLU D 58 -19.82 11.59 -22.07
N ASP D 59 -20.54 12.33 -22.93
CA ASP D 59 -21.89 12.77 -22.63
C ASP D 59 -22.92 12.11 -23.55
N GLU D 60 -22.56 10.98 -24.16
CA GLU D 60 -23.45 10.19 -24.99
C GLU D 60 -24.38 9.35 -24.12
N PRO D 61 -25.64 9.17 -24.54
CA PRO D 61 -26.60 8.42 -23.73
C PRO D 61 -26.16 6.97 -23.50
N TRP D 62 -26.72 6.37 -22.46
CA TRP D 62 -26.39 4.99 -22.10
C TRP D 62 -26.75 4.05 -23.25
N LYS D 63 -25.76 3.29 -23.70
CA LYS D 63 -25.90 2.38 -24.84
C LYS D 63 -25.87 0.93 -24.38
N LEU D 64 -26.46 0.06 -25.19
CA LEU D 64 -26.54 -1.36 -24.89
C LEU D 64 -25.54 -2.12 -25.76
N CYS D 65 -24.83 -3.07 -25.15
CA CYS D 65 -23.87 -3.91 -25.84
C CYS D 65 -24.34 -5.35 -25.79
N ARG D 66 -24.10 -6.09 -26.87
CA ARG D 66 -24.62 -7.44 -27.01
C ARG D 66 -23.68 -8.43 -26.33
N LEU D 67 -24.24 -9.26 -25.46
CA LEU D 67 -23.50 -10.27 -24.73
C LEU D 67 -23.50 -11.59 -25.50
N HIS D 68 -22.41 -12.35 -25.33
CA HIS D 68 -22.26 -13.65 -25.98
C HIS D 68 -21.87 -14.69 -24.94
N GLN D 69 -22.62 -15.78 -24.90
CA GLN D 69 -22.36 -16.88 -23.99
C GLN D 69 -21.41 -17.88 -24.63
N ALA D 70 -20.36 -18.25 -23.89
CA ALA D 70 -19.38 -19.21 -24.37
C ALA D 70 -18.80 -20.00 -23.21
N PRO D 71 -18.62 -21.30 -23.36
CA PRO D 71 -18.02 -22.09 -22.27
C PRO D 71 -16.51 -22.02 -22.28
N THR D 72 -15.93 -22.25 -21.12
CA THR D 72 -14.48 -22.20 -20.92
C THR D 72 -13.93 -23.61 -20.73
N ALA D 73 -12.60 -23.70 -20.71
CA ALA D 73 -11.93 -24.97 -20.49
C ALA D 73 -12.12 -25.45 -19.05
N ARG D 74 -12.25 -24.53 -18.10
CA ARG D 74 -12.42 -24.91 -16.70
C ARG D 74 -13.87 -25.23 -16.34
N GLY D 75 -14.78 -25.23 -17.31
CA GLY D 75 -16.15 -25.62 -17.09
C GLY D 75 -17.12 -24.47 -16.89
N ALA D 76 -16.62 -23.29 -16.53
CA ALA D 76 -17.49 -22.14 -16.30
C ALA D 76 -18.02 -21.58 -17.62
N VAL D 77 -18.97 -20.66 -17.51
CA VAL D 77 -19.60 -20.00 -18.65
C VAL D 77 -19.10 -18.56 -18.71
N ARG D 78 -18.54 -18.19 -19.86
CA ARG D 78 -17.98 -16.86 -20.06
C ARG D 78 -18.95 -15.99 -20.87
N PHE D 79 -19.26 -14.81 -20.34
CA PHE D 79 -20.06 -13.82 -21.04
C PHE D 79 -19.17 -12.65 -21.42
N TRP D 80 -19.16 -12.29 -22.72
CA TRP D 80 -18.30 -11.21 -23.19
C TRP D 80 -19.07 -10.30 -24.12
N CYS D 81 -18.64 -9.03 -24.14
CA CYS D 81 -19.21 -7.99 -24.99
C CYS D 81 -18.09 -7.14 -25.55
N SER D 82 -18.15 -6.87 -26.86
CA SER D 82 -17.12 -6.10 -27.56
C SER D 82 -17.70 -4.74 -27.96
N LEU D 83 -17.23 -3.69 -27.29
CA LEU D 83 -17.72 -2.35 -27.57
C LEU D 83 -17.28 -1.91 -28.98
N PRO D 84 -18.13 -1.21 -29.70
CA PRO D 84 -17.76 -0.75 -31.05
C PRO D 84 -16.66 0.30 -30.99
N THR D 85 -15.93 0.41 -32.11
CA THR D 85 -14.79 1.33 -32.18
C THR D 85 -15.24 2.78 -31.97
N ALA D 86 -16.40 3.14 -32.51
CA ALA D 86 -16.86 4.53 -32.41
C ALA D 86 -17.05 4.97 -30.97
N ASP D 87 -17.34 4.03 -30.07
CA ASP D 87 -17.59 4.35 -28.66
C ASP D 87 -16.36 4.17 -27.77
N THR D 88 -15.26 3.67 -28.31
CA THR D 88 -14.02 3.47 -27.54
C THR D 88 -13.11 4.68 -27.78
N SER D 89 -13.24 5.68 -26.92
CA SER D 89 -12.39 6.86 -26.92
C SER D 89 -11.41 6.74 -25.76
N SER D 90 -10.12 6.93 -26.05
CA SER D 90 -9.07 6.36 -25.21
C SER D 90 -8.93 7.04 -23.84
N PHE D 91 -9.17 8.35 -23.73
CA PHE D 91 -8.72 9.07 -22.54
C PHE D 91 -9.86 9.67 -21.71
N VAL D 92 -11.07 9.18 -21.83
CA VAL D 92 -12.17 9.66 -21.01
C VAL D 92 -12.70 8.52 -20.18
N PRO D 93 -13.33 8.80 -19.03
CA PRO D 93 -13.87 7.73 -18.20
C PRO D 93 -15.07 7.06 -18.87
N LEU D 94 -15.18 5.75 -18.67
CA LEU D 94 -16.24 4.95 -19.26
C LEU D 94 -16.94 4.18 -18.15
N GLU D 95 -18.22 4.49 -17.93
CA GLU D 95 -19.00 3.81 -16.91
C GLU D 95 -19.58 2.53 -17.49
N LEU D 96 -19.43 1.43 -16.77
CA LEU D 96 -19.94 0.14 -17.18
C LEU D 96 -20.89 -0.40 -16.12
N ARG D 97 -21.94 -1.09 -16.56
CA ARG D 97 -22.91 -1.67 -15.65
C ARG D 97 -23.45 -2.96 -16.26
N VAL D 98 -23.53 -4.00 -15.43
CA VAL D 98 -24.14 -5.27 -15.81
C VAL D 98 -25.31 -5.49 -14.87
N THR D 99 -26.52 -5.48 -15.41
CA THR D 99 -27.74 -5.61 -14.63
C THR D 99 -28.45 -6.91 -14.97
N ALA D 100 -28.92 -7.60 -13.94
CA ALA D 100 -29.67 -8.83 -14.14
C ALA D 100 -31.07 -8.51 -14.69
N ALA D 101 -31.65 -9.49 -15.39
CA ALA D 101 -32.97 -9.31 -15.96
C ALA D 101 -34.03 -9.03 -14.89
N SER D 102 -33.76 -9.37 -13.63
CA SER D 102 -34.65 -9.06 -12.53
C SER D 102 -34.52 -7.63 -12.03
N GLY D 103 -33.46 -6.92 -12.44
CA GLY D 103 -33.16 -5.60 -11.92
C GLY D 103 -32.06 -5.58 -10.89
N ALA D 104 -31.57 -6.74 -10.46
CA ALA D 104 -30.56 -6.85 -9.43
C ALA D 104 -29.18 -6.51 -9.98
N PRO D 105 -28.28 -6.00 -9.14
CA PRO D 105 -26.95 -5.64 -9.62
C PRO D 105 -26.06 -6.85 -9.85
N ARG D 106 -25.03 -6.64 -10.67
CA ARG D 106 -24.02 -7.66 -10.92
C ARG D 106 -22.63 -7.01 -10.91
N TYR D 107 -22.41 -6.04 -11.80
CA TYR D 107 -21.15 -5.32 -11.87
C TYR D 107 -21.41 -3.85 -12.15
N HIS D 108 -20.52 -3.00 -11.63
CA HIS D 108 -20.57 -1.56 -11.86
C HIS D 108 -19.14 -1.06 -11.74
N ARG D 109 -18.66 -0.39 -12.80
CA ARG D 109 -17.26 -0.03 -12.87
C ARG D 109 -17.08 1.21 -13.72
N VAL D 110 -15.97 1.90 -13.51
CA VAL D 110 -15.54 3.03 -14.34
C VAL D 110 -14.10 2.77 -14.75
N ILE D 111 -13.86 2.72 -16.05
CA ILE D 111 -12.53 2.38 -16.58
C ILE D 111 -12.11 3.40 -17.62
N HIS D 112 -10.82 3.42 -17.91
CA HIS D 112 -10.24 4.20 -18.99
C HIS D 112 -9.62 3.25 -20.00
N ILE D 113 -9.93 3.47 -21.28
CA ILE D 113 -9.42 2.61 -22.35
C ILE D 113 -7.90 2.53 -22.30
N ASN D 114 -7.23 3.66 -22.03
CA ASN D 114 -5.77 3.68 -22.08
C ASN D 114 -5.15 2.97 -20.88
N GLU D 115 -5.85 2.92 -19.76
CA GLU D 115 -5.30 2.33 -18.54
C GLU D 115 -5.47 0.82 -18.49
N VAL D 116 -6.10 0.21 -19.50
CA VAL D 116 -6.38 -1.23 -19.47
C VAL D 116 -5.98 -1.86 -20.80
N VAL D 117 -4.67 -1.95 -21.03
CA VAL D 117 -4.11 -2.46 -22.29
C VAL D 117 -3.43 -3.79 -22.02
N LEU D 118 -3.82 -4.82 -22.78
CA LEU D 118 -3.21 -6.15 -22.68
C LEU D 118 -2.55 -6.45 -24.01
N LEU D 119 -1.22 -6.37 -24.05
CA LEU D 119 -0.44 -6.52 -25.26
C LEU D 119 -0.33 -7.99 -25.67
N ASP D 120 0.25 -8.21 -26.85
CA ASP D 120 0.57 -9.55 -27.30
C ASP D 120 1.89 -10.02 -26.69
N ALA D 121 2.19 -11.30 -26.88
CA ALA D 121 3.45 -11.84 -26.36
C ALA D 121 4.61 -11.43 -27.28
N PRO D 122 5.79 -11.14 -26.71
CA PRO D 122 6.96 -10.86 -27.54
C PRO D 122 7.35 -12.06 -28.38
N VAL D 123 8.07 -11.78 -29.47
CA VAL D 123 8.45 -12.80 -30.42
C VAL D 123 9.95 -12.74 -30.66
N GLY D 124 10.48 -13.82 -31.24
CA GLY D 124 11.89 -13.89 -31.61
C GLY D 124 12.85 -13.82 -30.44
N LEU D 125 12.57 -14.60 -29.39
CA LEU D 125 13.45 -14.65 -28.23
C LEU D 125 14.68 -15.51 -28.55
N VAL D 126 15.86 -14.91 -28.42
CA VAL D 126 17.12 -15.57 -28.74
C VAL D 126 18.01 -15.52 -27.51
N ALA D 127 18.55 -16.67 -27.12
CA ALA D 127 19.45 -16.79 -25.98
C ALA D 127 20.83 -17.14 -26.50
N ARG D 128 21.81 -16.32 -26.14
CA ARG D 128 23.18 -16.45 -26.62
C ARG D 128 24.13 -16.43 -25.43
N LEU D 129 25.18 -17.25 -25.50
CA LEU D 129 26.15 -17.31 -24.41
C LEU D 129 27.09 -16.12 -24.54
N ALA D 130 27.09 -15.27 -23.52
CA ALA D 130 27.90 -14.06 -23.52
C ALA D 130 29.39 -14.36 -23.54
N ASP D 131 30.14 -13.45 -24.15
CA ASP D 131 31.57 -13.63 -24.31
C ASP D 131 32.25 -13.68 -22.95
N GLU D 132 31.81 -12.84 -22.01
CA GLU D 132 32.25 -12.95 -20.62
C GLU D 132 31.58 -14.18 -20.00
N SER D 133 32.40 -15.16 -19.63
CA SER D 133 31.87 -16.44 -19.16
C SER D 133 31.00 -16.26 -17.92
N GLY D 134 29.94 -17.05 -17.83
CA GLY D 134 29.00 -16.98 -16.73
C GLY D 134 27.76 -16.16 -17.01
N HIS D 135 27.75 -15.36 -18.07
CA HIS D 135 26.62 -14.50 -18.41
C HIS D 135 25.90 -15.05 -19.64
N VAL D 136 24.61 -14.71 -19.73
CA VAL D 136 23.77 -15.09 -20.86
C VAL D 136 23.09 -13.82 -21.37
N VAL D 137 23.13 -13.61 -22.69
CA VAL D 137 22.49 -12.46 -23.30
C VAL D 137 21.18 -12.90 -23.96
N LEU D 138 20.09 -12.24 -23.60
CA LEU D 138 18.78 -12.51 -24.16
C LEU D 138 18.38 -11.34 -25.06
N ARG D 139 17.93 -11.66 -26.26
CA ARG D 139 17.45 -10.66 -27.20
C ARG D 139 16.09 -11.08 -27.73
N TRP D 140 15.23 -10.08 -27.98
CA TRP D 140 13.89 -10.36 -28.45
C TRP D 140 13.36 -9.14 -29.19
N LEU D 141 12.24 -9.33 -29.87
CA LEU D 141 11.49 -8.35 -30.63
C LEU D 141 10.23 -7.94 -29.87
N PRO D 142 9.73 -6.72 -30.11
CA PRO D 142 8.47 -6.31 -29.48
C PRO D 142 7.31 -7.10 -30.04
N PRO D 143 6.15 -7.10 -29.36
CA PRO D 143 4.99 -7.83 -29.88
C PRO D 143 4.60 -7.34 -31.26
N PRO D 144 4.19 -8.25 -32.14
CA PRO D 144 3.93 -7.85 -33.53
C PRO D 144 2.73 -6.93 -33.65
N GLU D 145 2.82 -6.02 -34.63
CA GLU D 145 1.76 -5.07 -34.95
C GLU D 145 1.33 -4.29 -33.71
N THR D 146 2.31 -3.73 -33.00
CA THR D 146 2.05 -2.92 -31.81
C THR D 146 2.81 -1.60 -31.94
N PRO D 147 2.12 -0.47 -31.86
CA PRO D 147 2.79 0.82 -32.00
C PRO D 147 3.47 1.24 -30.70
N MET D 148 4.22 2.35 -30.80
CA MET D 148 4.91 3.01 -29.69
C MET D 148 5.65 2.00 -28.80
N THR D 149 6.70 1.44 -29.40
CA THR D 149 7.56 0.49 -28.70
C THR D 149 8.23 1.11 -27.49
N SER D 150 8.61 2.40 -27.59
CA SER D 150 9.35 3.08 -26.53
C SER D 150 8.62 3.11 -25.20
N HIS D 151 7.32 2.78 -25.16
CA HIS D 151 6.55 2.78 -23.93
C HIS D 151 6.10 1.38 -23.52
N ILE D 152 6.90 0.36 -23.86
CA ILE D 152 6.59 -1.03 -23.56
C ILE D 152 7.62 -1.54 -22.56
N ARG D 153 7.15 -1.96 -21.39
CA ARG D 153 8.01 -2.54 -20.37
C ARG D 153 8.01 -4.06 -20.48
N TYR D 154 9.15 -4.66 -20.18
CA TYR D 154 9.32 -6.11 -20.30
C TYR D 154 9.73 -6.71 -18.95
N GLU D 155 9.67 -8.04 -18.89
CA GLU D 155 10.10 -8.80 -17.72
C GLU D 155 10.51 -10.19 -18.17
N VAL D 156 11.66 -10.65 -17.68
CA VAL D 156 12.24 -11.92 -18.11
C VAL D 156 12.12 -12.92 -16.96
N ASP D 157 11.85 -14.18 -17.31
CA ASP D 157 11.74 -15.27 -16.35
C ASP D 157 12.80 -16.32 -16.67
N VAL D 158 13.50 -16.78 -15.65
CA VAL D 158 14.51 -17.82 -15.77
C VAL D 158 14.03 -19.03 -14.99
N SER D 159 14.12 -20.21 -15.60
CA SER D 159 13.66 -21.45 -14.98
C SER D 159 14.82 -22.44 -14.90
N ALA D 160 14.89 -23.17 -13.79
CA ALA D 160 15.96 -24.14 -13.59
C ALA D 160 15.63 -25.48 -14.25
N SER D 166 13.35 -23.95 -10.31
CA SER D 166 12.62 -22.85 -9.70
C SER D 166 12.47 -21.69 -10.69
N VAL D 167 12.54 -20.45 -10.19
CA VAL D 167 12.36 -19.27 -11.03
C VAL D 167 13.29 -18.15 -10.60
N GLN D 168 13.54 -17.25 -11.55
CA GLN D 168 14.22 -15.98 -11.34
C GLN D 168 13.61 -14.99 -12.32
N ARG D 169 13.31 -13.77 -11.85
CA ARG D 169 12.59 -12.80 -12.67
C ARG D 169 13.23 -11.43 -12.58
N VAL D 170 13.62 -10.89 -13.74
CA VAL D 170 14.30 -9.61 -13.85
C VAL D 170 13.40 -8.63 -14.58
N GLU D 171 13.30 -7.40 -14.07
CA GLU D 171 12.57 -6.33 -14.74
C GLU D 171 13.46 -5.64 -15.76
N ILE D 172 12.85 -5.23 -16.88
CA ILE D 172 13.55 -4.62 -17.99
C ILE D 172 12.96 -3.24 -18.25
N LEU D 173 13.83 -2.23 -18.33
CA LEU D 173 13.40 -0.87 -18.60
C LEU D 173 12.69 -0.77 -19.94
N GLU D 174 11.69 0.12 -20.00
CA GLU D 174 10.89 0.27 -21.20
C GLU D 174 11.74 0.68 -22.39
N GLY D 175 11.48 0.07 -23.54
CA GLY D 175 12.22 0.37 -24.75
C GLY D 175 13.30 -0.64 -25.04
N ARG D 176 14.04 -1.04 -24.02
CA ARG D 176 15.15 -1.97 -24.19
C ARG D 176 14.62 -3.36 -24.53
N THR D 177 15.23 -3.99 -25.54
CA THR D 177 14.84 -5.32 -26.00
C THR D 177 15.98 -6.31 -25.85
N GLU D 178 16.82 -6.12 -24.84
CA GLU D 178 17.92 -7.04 -24.56
C GLU D 178 18.36 -6.87 -23.12
N CYS D 179 18.95 -7.92 -22.57
CA CYS D 179 19.41 -7.91 -21.19
C CYS D 179 20.58 -8.89 -21.04
N VAL D 180 21.35 -8.70 -19.99
CA VAL D 180 22.47 -9.56 -19.65
C VAL D 180 22.20 -10.16 -18.29
N LEU D 181 22.24 -11.49 -18.20
CA LEU D 181 21.95 -12.21 -16.97
C LEU D 181 23.21 -12.45 -16.16
N SER D 182 23.16 -12.07 -14.89
CA SER D 182 24.35 -12.04 -14.03
C SER D 182 24.81 -13.44 -13.64
N ASN D 183 23.93 -14.21 -12.99
CA ASN D 183 24.31 -15.45 -12.34
C ASN D 183 23.78 -16.67 -13.07
N LEU D 184 24.64 -17.69 -13.17
CA LEU D 184 24.27 -18.97 -13.76
C LEU D 184 24.87 -20.08 -12.91
N ARG D 185 24.18 -21.22 -12.87
CA ARG D 185 24.60 -22.34 -12.03
C ARG D 185 25.68 -23.19 -12.68
N GLY D 186 25.87 -23.11 -13.99
CA GLY D 186 26.84 -23.94 -14.66
C GLY D 186 26.18 -24.94 -15.59
N ARG D 187 26.51 -26.21 -15.42
CA ARG D 187 26.10 -27.21 -16.40
C ARG D 187 24.59 -27.39 -16.49
N THR D 188 23.79 -26.68 -15.72
CA THR D 188 22.35 -26.83 -15.86
C THR D 188 21.80 -26.09 -17.08
N ARG D 189 20.72 -26.63 -17.65
CA ARG D 189 19.99 -26.00 -18.75
C ARG D 189 19.00 -24.99 -18.19
N TYR D 190 19.09 -23.73 -18.63
CA TYR D 190 18.12 -22.71 -18.24
C TYR D 190 17.07 -22.47 -19.33
N THR D 191 15.84 -22.20 -18.89
CA THR D 191 14.73 -21.86 -19.76
C THR D 191 14.38 -20.38 -19.57
N PHE D 192 14.38 -19.61 -20.65
CA PHE D 192 14.11 -18.19 -20.58
C PHE D 192 12.79 -17.85 -21.29
N ALA D 193 12.12 -16.82 -20.78
CA ALA D 193 10.90 -16.30 -21.41
C ALA D 193 10.71 -14.85 -21.00
N VAL D 194 10.14 -14.06 -21.89
CA VAL D 194 9.91 -12.63 -21.68
C VAL D 194 8.45 -12.30 -21.96
N ARG D 195 7.89 -11.36 -21.19
CA ARG D 195 6.55 -10.86 -21.42
C ARG D 195 6.57 -9.33 -21.31
N ALA D 196 5.58 -8.69 -21.94
CA ALA D 196 5.57 -7.24 -22.08
C ALA D 196 4.24 -6.64 -21.63
N ARG D 197 4.33 -5.42 -21.11
CA ARG D 197 3.16 -4.63 -20.73
C ARG D 197 3.44 -3.17 -21.03
N MET D 198 2.39 -2.35 -21.02
CA MET D 198 2.55 -0.92 -21.22
C MET D 198 2.90 -0.27 -19.88
N ALA D 199 3.91 0.60 -19.91
CA ALA D 199 4.42 1.25 -18.69
C ALA D 199 3.78 2.62 -18.49
N GLU D 200 4.44 3.66 -18.99
CA GLU D 200 4.09 5.06 -18.73
C GLU D 200 3.80 5.81 -20.03
N PRO D 201 3.36 7.09 -19.98
CA PRO D 201 2.92 7.84 -18.80
C PRO D 201 1.43 7.61 -18.51
N SER D 202 0.58 7.70 -19.55
CA SER D 202 -0.85 7.52 -19.37
C SER D 202 -1.30 6.09 -19.60
N PHE D 203 -0.58 5.32 -20.42
CA PHE D 203 -0.98 3.98 -20.76
C PHE D 203 -0.70 3.02 -19.60
N GLY D 204 -1.43 1.91 -19.58
CA GLY D 204 -1.22 0.89 -18.57
C GLY D 204 -2.09 -0.32 -18.85
N GLY D 205 -1.94 -1.34 -18.01
CA GLY D 205 -2.73 -2.54 -18.16
C GLY D 205 -2.17 -3.77 -17.46
N PHE D 206 -2.18 -4.91 -18.15
CA PHE D 206 -1.79 -6.19 -17.57
C PHE D 206 -0.58 -6.75 -18.30
N TRP D 207 0.07 -7.71 -17.65
CA TRP D 207 1.17 -8.44 -18.28
C TRP D 207 0.64 -9.34 -19.38
N SER D 208 1.31 -9.31 -20.53
CA SER D 208 0.93 -10.19 -21.64
C SER D 208 1.33 -11.63 -21.32
N ALA D 209 1.09 -12.52 -22.29
CA ALA D 209 1.51 -13.90 -22.14
C ALA D 209 3.02 -14.01 -22.33
N TRP D 210 3.56 -15.15 -21.90
CA TRP D 210 4.99 -15.38 -22.05
C TRP D 210 5.34 -15.65 -23.51
N SER D 211 6.58 -15.33 -23.86
CA SER D 211 7.07 -15.62 -25.20
C SER D 211 7.38 -17.11 -25.33
N GLU D 212 7.67 -17.53 -26.56
CA GLU D 212 8.08 -18.91 -26.79
C GLU D 212 9.39 -19.18 -26.05
N PRO D 213 9.42 -20.13 -25.12
CA PRO D 213 10.62 -20.31 -24.31
C PRO D 213 11.78 -20.87 -25.12
N VAL D 214 12.99 -20.53 -24.68
CA VAL D 214 14.22 -21.04 -25.26
C VAL D 214 15.10 -21.56 -24.14
N SER D 215 15.98 -22.50 -24.49
CA SER D 215 16.85 -23.15 -23.52
C SER D 215 18.31 -22.99 -23.92
N LEU D 216 19.18 -22.84 -22.93
CA LEU D 216 20.61 -22.67 -23.13
C LEU D 216 21.36 -23.42 -22.04
N LEU D 217 22.55 -23.90 -22.39
CA LEU D 217 23.37 -24.74 -21.52
C LEU D 217 24.71 -24.05 -21.29
N THR D 218 25.09 -23.93 -20.02
CA THR D 218 26.29 -23.20 -19.63
C THR D 218 27.46 -24.18 -19.45
N PRO D 219 28.73 -23.70 -19.48
CA PRO D 219 29.83 -24.66 -19.56
C PRO D 219 30.70 -24.76 -18.32
N SER D 220 30.19 -24.32 -17.17
CA SER D 220 30.91 -24.36 -15.89
C SER D 220 32.25 -23.63 -15.96
P PO4 E . -8.15 -4.13 3.15
O1 PO4 E . -8.31 -4.10 1.65
O2 PO4 E . -7.30 -5.32 3.54
O3 PO4 E . -9.51 -4.24 3.78
O4 PO4 E . -7.48 -2.86 3.61
P PO4 F . -8.95 4.60 0.01
O1 PO4 F . -10.28 4.99 -0.60
O2 PO4 F . -8.41 3.40 -0.71
O3 PO4 F . -7.98 5.76 -0.13
O4 PO4 F . -9.14 4.27 1.47
P PO4 G . -34.81 7.42 -13.30
O1 PO4 G . -34.90 5.97 -13.67
O2 PO4 G . -36.18 7.98 -13.02
O3 PO4 G . -34.18 8.19 -14.44
O4 PO4 G . -33.95 7.58 -12.06
NA NA H . -7.38 -6.75 1.17
P PO4 I . -3.21 5.67 7.23
O1 PO4 I . -3.63 4.44 6.48
O2 PO4 I . -3.81 6.90 6.56
O3 PO4 I . -1.71 5.79 7.23
O4 PO4 I . -3.72 5.59 8.65
P PO4 J . 3.25 20.08 17.85
O1 PO4 J . 3.61 19.82 16.40
O2 PO4 J . 2.53 18.87 18.41
O3 PO4 J . 2.34 21.27 17.94
O4 PO4 J . 4.51 20.34 18.64
P PO4 K . -1.64 -3.18 9.72
O1 PO4 K . -1.87 -4.21 8.64
O2 PO4 K . -2.97 -2.68 10.20
O3 PO4 K . -0.85 -2.03 9.14
O4 PO4 K . -0.87 -3.80 10.86
P PO4 L . 20.53 19.99 8.47
O1 PO4 L . 19.04 20.01 8.73
O2 PO4 L . 21.12 18.73 9.05
O3 PO4 L . 20.79 20.04 6.99
O4 PO4 L . 21.16 21.20 9.14
#